data_7B23
#
_entry.id   7B23
#
_cell.length_a   194.250
_cell.length_b   113.125
_cell.length_c   89.288
_cell.angle_alpha   90.000
_cell.angle_beta   117.250
_cell.angle_gamma   90.000
#
_symmetry.space_group_name_H-M   'C 1 2 1'
#
loop_
_entity.id
_entity.type
_entity.pdbx_description
1 polymer 'DtxR family iron (Metal) dependent repressor'
2 polymer 'SACE_2689 promoter DNA-binding sequence'
3 polymer 'SACE_2689 promoter DNA-binding sequence'
4 non-polymer 'COBALT (II) ION'
5 water water
#
loop_
_entity_poly.entity_id
_entity_poly.type
_entity_poly.pdbx_seq_one_letter_code
_entity_poly.pdbx_strand_id
1 'polypeptide(L)'
;GHMNDLIDTTEMYLRTIYDLEEEGVVPLRARIAERLEQSGPTVSQTVARMERDGLLTVAEDRHLELTKAGRARAISVMRK
HRLAERLLVDVIGLEWEQVHLEA(CSD)RWEHVMSEAVERKLVKLLGNPTTSPYGNPIPGLDELGVGDSVEPVDTDLRRV
DEVARSGGGRALVCRIAEHVQLDPDLMSELKKVGVVPGNEIDIVAVAGVNKPIQVQGSEGGTQLQPGIAHAVMVRVK
;
A,B,C,D,aa,dd
2 'polydeoxyribonucleotide'
;(DG)(DG)(DT)(DG)(DA)(DC)(DT)(DT)(DA)(DG)(DG)(DT)(DT)(DA)(DG)(DC)(DT)(DT)(DT)(DA)
(DC)(DC)(DA)(DA)(DA)(DG)(DT)(DA)(DC)(DG)
;
E
3 'polydeoxyribonucleotide'
;(DC)(DG)(DT)(DA)(DC)(DT)(DT)(DT)(DG)(DG)(DT)(DA)(DA)(DA)(DG)(DC)(DT)(DA)(DA)(DC)
(DC)(DT)(DA)(DA)(DG)(DT)(DC)(DA)(DC)(DC)
;
F
#
# COMPACT_ATOMS: atom_id res chain seq x y z
N ASP A 5 -18.87 10.95 -6.29
CA ASP A 5 -19.47 12.30 -6.53
C ASP A 5 -18.98 12.82 -7.89
N LEU A 6 -17.68 13.11 -8.04
CA LEU A 6 -17.06 13.57 -9.31
C LEU A 6 -16.84 12.37 -10.25
N ILE A 7 -16.86 11.15 -9.70
CA ILE A 7 -16.58 9.87 -10.43
C ILE A 7 -15.08 9.79 -10.71
N ASP A 8 -14.51 10.79 -11.39
CA ASP A 8 -13.06 10.91 -11.72
C ASP A 8 -12.62 12.36 -11.51
N THR A 9 -11.85 12.61 -10.45
CA THR A 9 -11.37 13.97 -10.03
C THR A 9 -10.59 14.63 -11.17
N THR A 10 -9.60 13.92 -11.73
CA THR A 10 -8.68 14.42 -12.79
C THR A 10 -9.49 14.94 -13.98
N GLU A 11 -10.43 14.12 -14.48
CA GLU A 11 -11.24 14.44 -15.69
C GLU A 11 -12.11 15.67 -15.42
N MET A 12 -12.61 15.83 -14.20
CA MET A 12 -13.53 16.95 -13.83
C MET A 12 -12.75 18.25 -13.64
N TYR A 13 -11.48 18.19 -13.19
CA TYR A 13 -10.60 19.38 -13.12
C TYR A 13 -10.26 19.84 -14.54
N LEU A 14 -9.88 18.90 -15.41
CA LEU A 14 -9.53 19.18 -16.83
C LEU A 14 -10.72 19.84 -17.54
N ARG A 15 -11.90 19.22 -17.47
CA ARG A 15 -13.11 19.68 -18.20
C ARG A 15 -13.60 21.02 -17.61
N THR A 16 -13.41 21.23 -16.30
CA THR A 16 -13.75 22.51 -15.60
C THR A 16 -12.87 23.63 -16.14
N ILE A 17 -11.57 23.36 -16.36
CA ILE A 17 -10.62 24.34 -16.97
C ILE A 17 -11.04 24.58 -18.43
N TYR A 18 -11.49 23.54 -19.13
CA TYR A 18 -11.98 23.60 -20.54
C TYR A 18 -13.24 24.48 -20.59
N ASP A 19 -14.16 24.30 -19.63
CA ASP A 19 -15.41 25.10 -19.48
C ASP A 19 -15.04 26.58 -19.36
N LEU A 20 -14.14 26.92 -18.43
CA LEU A 20 -13.74 28.32 -18.12
C LEU A 20 -13.13 28.97 -19.36
N GLU A 21 -12.41 28.19 -20.19
CA GLU A 21 -11.82 28.69 -21.47
C GLU A 21 -12.93 28.98 -22.48
N GLU A 22 -13.94 28.10 -22.58
CA GLU A 22 -15.13 28.28 -23.47
C GLU A 22 -15.89 29.55 -23.08
N GLU A 23 -16.02 29.83 -21.79
CA GLU A 23 -16.76 31.00 -21.22
C GLU A 23 -15.86 32.24 -21.17
N GLY A 24 -14.62 32.17 -21.68
CA GLY A 24 -13.67 33.29 -21.67
C GLY A 24 -13.42 33.83 -20.27
N VAL A 25 -13.47 32.95 -19.27
CA VAL A 25 -13.14 33.23 -17.84
C VAL A 25 -11.68 32.79 -17.60
N VAL A 26 -10.95 33.52 -16.78
CA VAL A 26 -9.52 33.21 -16.45
C VAL A 26 -9.52 32.02 -15.50
N PRO A 27 -9.02 30.84 -15.94
CA PRO A 27 -9.09 29.63 -15.12
C PRO A 27 -8.08 29.64 -13.96
N LEU A 28 -8.52 30.16 -12.81
CA LEU A 28 -7.78 30.12 -11.52
C LEU A 28 -8.26 28.93 -10.70
N ARG A 29 -7.46 28.49 -9.73
CA ARG A 29 -7.81 27.41 -8.77
C ARG A 29 -9.07 27.81 -7.99
N ALA A 30 -9.25 29.11 -7.71
CA ALA A 30 -10.43 29.68 -7.02
C ALA A 30 -11.71 29.33 -7.79
N ARG A 31 -11.67 29.36 -9.13
CA ARG A 31 -12.84 29.08 -10.01
C ARG A 31 -13.23 27.60 -9.91
N ILE A 32 -12.25 26.71 -9.77
CA ILE A 32 -12.48 25.23 -9.68
C ILE A 32 -13.14 24.94 -8.33
N ALA A 33 -12.60 25.51 -7.25
CA ALA A 33 -13.13 25.39 -5.86
C ALA A 33 -14.62 25.74 -5.85
N GLU A 34 -14.99 26.89 -6.43
CA GLU A 34 -16.39 27.38 -6.53
C GLU A 34 -17.27 26.35 -7.26
N ARG A 35 -16.84 25.92 -8.45
CA ARG A 35 -17.69 25.19 -9.43
C ARG A 35 -17.80 23.71 -9.05
N LEU A 36 -16.74 23.12 -8.50
CA LEU A 36 -16.74 21.70 -8.04
C LEU A 36 -17.08 21.63 -6.54
N GLU A 37 -17.22 22.79 -5.88
CA GLU A 37 -17.58 22.91 -4.43
C GLU A 37 -16.57 22.11 -3.60
N GLN A 38 -15.30 22.48 -3.69
CA GLN A 38 -14.18 21.90 -2.88
C GLN A 38 -13.40 23.05 -2.26
N SER A 39 -12.77 22.83 -1.12
CA SER A 39 -11.97 23.85 -0.38
C SER A 39 -10.73 24.22 -1.20
N GLY A 40 -10.23 25.44 -1.02
CA GLY A 40 -9.04 25.98 -1.72
C GLY A 40 -7.82 25.05 -1.58
N PRO A 41 -7.47 24.60 -0.35
CA PRO A 41 -6.35 23.69 -0.15
C PRO A 41 -6.44 22.41 -0.98
N THR A 42 -7.64 21.83 -1.07
CA THR A 42 -7.94 20.60 -1.86
C THR A 42 -7.58 20.85 -3.33
N VAL A 43 -8.05 21.96 -3.88
CA VAL A 43 -7.88 22.31 -5.33
C VAL A 43 -6.40 22.54 -5.62
N SER A 44 -5.69 23.30 -4.77
CA SER A 44 -4.23 23.53 -4.86
C SER A 44 -3.50 22.19 -4.91
N GLN A 45 -3.84 21.29 -3.98
CA GLN A 45 -3.18 19.96 -3.82
C GLN A 45 -3.41 19.11 -5.08
N THR A 46 -4.65 19.05 -5.58
CA THR A 46 -5.05 18.23 -6.76
C THR A 46 -4.39 18.78 -8.02
N VAL A 47 -4.44 20.11 -8.23
CA VAL A 47 -3.77 20.80 -9.37
C VAL A 47 -2.28 20.47 -9.36
N ALA A 48 -1.65 20.44 -8.18
CA ALA A 48 -0.20 20.10 -8.00
C ALA A 48 0.04 18.66 -8.47
N ARG A 49 -0.83 17.73 -8.09
CA ARG A 49 -0.77 16.31 -8.51
C ARG A 49 -0.89 16.22 -10.03
N MET A 50 -1.75 17.06 -10.63
CA MET A 50 -2.00 17.08 -12.09
C MET A 50 -0.84 17.77 -12.81
N GLU A 51 -0.19 18.74 -12.16
CA GLU A 51 1.04 19.39 -12.66
C GLU A 51 2.18 18.37 -12.67
N ARG A 52 2.38 17.67 -11.55
CA ARG A 52 3.39 16.59 -11.37
C ARG A 52 3.28 15.55 -12.51
N ASP A 53 2.04 15.22 -12.91
CA ASP A 53 1.75 14.17 -13.93
C ASP A 53 1.68 14.79 -15.34
N GLY A 54 1.99 16.09 -15.47
CA GLY A 54 2.13 16.79 -16.77
C GLY A 54 0.82 16.88 -17.54
N LEU A 55 -0.27 17.25 -16.86
CA LEU A 55 -1.59 17.50 -17.47
C LEU A 55 -1.85 19.01 -17.55
N LEU A 56 -1.22 19.81 -16.69
CA LEU A 56 -1.32 21.29 -16.72
C LEU A 56 -0.07 21.92 -16.10
N THR A 57 0.08 23.24 -16.27
CA THR A 57 1.13 24.07 -15.63
C THR A 57 0.44 25.30 -15.02
N VAL A 58 0.98 25.80 -13.91
CA VAL A 58 0.52 27.04 -13.23
C VAL A 58 1.43 28.19 -13.70
N ALA A 59 0.87 29.12 -14.49
CA ALA A 59 1.59 30.29 -15.06
C ALA A 59 2.05 31.23 -13.93
N GLU A 60 2.77 32.29 -14.28
CA GLU A 60 3.28 33.32 -13.33
C GLU A 60 2.10 34.11 -12.75
N ASP A 61 1.09 34.42 -13.58
CA ASP A 61 -0.15 35.14 -13.19
C ASP A 61 -1.14 34.15 -12.55
N ARG A 62 -0.75 32.88 -12.42
CA ARG A 62 -1.36 31.83 -11.54
C ARG A 62 -2.60 31.20 -12.20
N HIS A 63 -2.88 31.49 -13.48
CA HIS A 63 -3.96 30.85 -14.27
C HIS A 63 -3.45 29.49 -14.76
N LEU A 64 -4.32 28.48 -14.76
CA LEU A 64 -3.98 27.07 -15.09
C LEU A 64 -4.02 26.90 -16.62
N GLU A 65 -2.90 26.46 -17.21
CA GLU A 65 -2.77 26.15 -18.65
C GLU A 65 -2.69 24.62 -18.81
N LEU A 66 -3.64 24.03 -19.53
CA LEU A 66 -3.59 22.60 -19.94
C LEU A 66 -2.36 22.40 -20.82
N THR A 67 -1.65 21.28 -20.64
CA THR A 67 -0.56 20.81 -21.54
C THR A 67 -1.19 20.13 -22.76
N LYS A 68 -0.36 19.67 -23.70
CA LYS A 68 -0.78 18.90 -24.89
C LYS A 68 -1.55 17.65 -24.43
N ALA A 69 -1.02 16.93 -23.44
CA ALA A 69 -1.61 15.70 -22.86
C ALA A 69 -2.90 16.04 -22.09
N GLY A 70 -2.89 17.16 -21.37
CA GLY A 70 -4.04 17.66 -20.59
C GLY A 70 -5.20 18.08 -21.48
N ARG A 71 -4.90 18.86 -22.53
CA ARG A 71 -5.91 19.35 -23.51
C ARG A 71 -6.52 18.15 -24.25
N ALA A 72 -5.68 17.19 -24.65
CA ALA A 72 -6.09 15.95 -25.37
C ALA A 72 -7.11 15.17 -24.52
N ARG A 73 -6.83 15.00 -23.23
CA ARG A 73 -7.69 14.27 -22.26
C ARG A 73 -8.99 15.05 -22.02
N ALA A 74 -8.90 16.37 -21.81
CA ALA A 74 -10.04 17.28 -21.61
C ALA A 74 -11.01 17.18 -22.79
N ILE A 75 -10.49 17.19 -24.02
CA ILE A 75 -11.25 17.12 -25.30
C ILE A 75 -12.01 15.77 -25.35
N SER A 76 -11.32 14.69 -24.99
CA SER A 76 -11.85 13.30 -24.94
C SER A 76 -13.05 13.22 -23.98
N VAL A 77 -12.93 13.84 -22.80
CA VAL A 77 -14.02 13.85 -21.76
C VAL A 77 -15.21 14.67 -22.28
N MET A 78 -14.94 15.86 -22.83
CA MET A 78 -16.01 16.77 -23.36
C MET A 78 -16.74 16.11 -24.52
N ARG A 79 -16.00 15.44 -25.41
CA ARG A 79 -16.55 14.74 -26.62
C ARG A 79 -17.53 13.66 -26.15
N LYS A 80 -17.14 12.87 -25.15
CA LYS A 80 -18.00 11.81 -24.54
C LYS A 80 -19.24 12.47 -23.93
N HIS A 81 -19.04 13.56 -23.19
CA HIS A 81 -20.11 14.35 -22.52
C HIS A 81 -21.21 14.74 -23.52
N ARG A 82 -20.82 15.38 -24.63
CA ARG A 82 -21.77 16.00 -25.60
C ARG A 82 -22.38 14.93 -26.50
N LEU A 83 -21.72 13.78 -26.69
CA LEU A 83 -22.29 12.62 -27.43
C LEU A 83 -23.31 11.92 -26.52
N ALA A 84 -23.02 11.77 -25.23
CA ALA A 84 -23.94 11.19 -24.22
C ALA A 84 -25.22 12.02 -24.16
N GLU A 85 -25.10 13.35 -24.13
CA GLU A 85 -26.24 14.31 -24.08
C GLU A 85 -27.13 14.12 -25.31
N ARG A 86 -26.54 13.98 -26.51
CA ARG A 86 -27.28 13.77 -27.78
C ARG A 86 -28.06 12.46 -27.70
N LEU A 87 -27.40 11.37 -27.28
CA LEU A 87 -28.05 10.05 -27.05
C LEU A 87 -29.20 10.21 -26.06
N LEU A 88 -28.98 10.94 -24.96
CA LEU A 88 -29.93 11.06 -23.82
C LEU A 88 -31.18 11.86 -24.24
N VAL A 89 -31.04 12.81 -25.16
CA VAL A 89 -32.18 13.65 -25.66
C VAL A 89 -32.83 12.96 -26.87
N ASP A 90 -32.05 12.72 -27.92
CA ASP A 90 -32.55 12.35 -29.27
C ASP A 90 -33.04 10.90 -29.30
N VAL A 91 -32.51 10.01 -28.45
CA VAL A 91 -32.77 8.54 -28.53
C VAL A 91 -33.49 8.05 -27.27
N ILE A 92 -32.99 8.37 -26.08
CA ILE A 92 -33.49 7.82 -24.79
C ILE A 92 -34.67 8.66 -24.31
N GLY A 93 -34.66 9.96 -24.59
CA GLY A 93 -35.78 10.89 -24.27
C GLY A 93 -35.81 11.24 -22.80
N LEU A 94 -34.65 11.34 -22.17
CA LEU A 94 -34.49 11.91 -20.80
C LEU A 94 -34.81 13.40 -20.88
N GLU A 95 -35.40 13.97 -19.82
CA GLU A 95 -35.91 15.36 -19.78
C GLU A 95 -34.74 16.34 -20.00
N TRP A 96 -34.96 17.36 -20.82
CA TRP A 96 -33.96 18.38 -21.28
C TRP A 96 -33.13 18.92 -20.11
N GLU A 97 -33.75 19.12 -18.94
CA GLU A 97 -33.13 19.82 -17.78
C GLU A 97 -32.25 18.86 -16.98
N GLN A 98 -32.45 17.55 -17.10
CA GLN A 98 -31.74 16.51 -16.29
C GLN A 98 -30.54 15.92 -17.05
N VAL A 99 -30.46 16.14 -18.37
CA VAL A 99 -29.57 15.37 -19.30
C VAL A 99 -28.10 15.65 -18.97
N HIS A 100 -27.72 16.91 -18.71
CA HIS A 100 -26.32 17.30 -18.39
C HIS A 100 -25.83 16.52 -17.16
N LEU A 101 -26.61 16.51 -16.08
CA LEU A 101 -26.26 15.86 -14.78
C LEU A 101 -25.92 14.38 -15.03
N GLU A 102 -26.66 13.73 -15.94
CA GLU A 102 -26.42 12.32 -16.34
C GLU A 102 -25.10 12.23 -17.12
N ALA A 103 -24.93 13.08 -18.14
CA ALA A 103 -23.73 13.18 -19.00
C ALA A 103 -22.51 13.57 -18.17
N ARG A 105 -21.76 12.24 -15.45
CA ARG A 105 -21.24 10.98 -14.93
C ARG A 105 -20.82 10.07 -16.07
N TRP A 106 -21.66 9.94 -17.12
CA TRP A 106 -21.46 9.05 -18.29
C TRP A 106 -20.13 9.37 -18.98
N GLU A 107 -19.70 10.64 -18.98
CA GLU A 107 -18.50 11.13 -19.70
C GLU A 107 -17.22 10.42 -19.22
N HIS A 108 -17.27 9.73 -18.08
CA HIS A 108 -16.10 9.12 -17.41
C HIS A 108 -15.98 7.62 -17.72
N VAL A 109 -17.07 6.97 -18.17
CA VAL A 109 -17.11 5.49 -18.36
C VAL A 109 -17.29 5.12 -19.84
N MET A 110 -17.47 6.11 -20.73
CA MET A 110 -17.74 5.86 -22.17
C MET A 110 -16.42 5.56 -22.89
N SER A 111 -16.36 4.43 -23.61
CA SER A 111 -15.22 4.01 -24.48
C SER A 111 -15.29 4.77 -25.81
N GLU A 112 -14.16 4.91 -26.50
CA GLU A 112 -14.09 5.49 -27.87
C GLU A 112 -14.83 4.58 -28.85
N ALA A 113 -14.91 3.28 -28.54
CA ALA A 113 -15.68 2.26 -29.31
C ALA A 113 -17.16 2.66 -29.37
N VAL A 114 -17.75 3.03 -28.22
CA VAL A 114 -19.17 3.47 -28.11
C VAL A 114 -19.32 4.84 -28.79
N GLU A 115 -18.37 5.75 -28.58
CA GLU A 115 -18.39 7.12 -29.18
C GLU A 115 -18.58 6.99 -30.70
N ARG A 116 -17.88 6.06 -31.34
CA ARG A 116 -17.90 5.84 -32.81
C ARG A 116 -19.24 5.24 -33.24
N LYS A 117 -19.85 4.39 -32.40
CA LYS A 117 -21.20 3.83 -32.63
C LYS A 117 -22.26 4.94 -32.50
N LEU A 118 -22.09 5.84 -31.52
CA LEU A 118 -23.01 6.97 -31.27
C LEU A 118 -22.93 7.97 -32.44
N VAL A 119 -21.76 8.15 -33.04
CA VAL A 119 -21.56 9.06 -34.20
C VAL A 119 -22.39 8.54 -35.38
N LYS A 120 -22.30 7.25 -35.70
CA LYS A 120 -23.12 6.58 -36.75
C LYS A 120 -24.62 6.73 -36.41
N LEU A 121 -24.98 6.45 -35.16
CA LEU A 121 -26.39 6.36 -34.67
C LEU A 121 -27.07 7.74 -34.77
N LEU A 122 -26.35 8.81 -34.38
CA LEU A 122 -26.91 10.18 -34.24
C LEU A 122 -26.74 10.97 -35.55
N GLY A 123 -26.14 10.36 -36.57
CA GLY A 123 -25.99 10.94 -37.92
C GLY A 123 -24.95 12.05 -37.95
N ASN A 124 -23.74 11.76 -37.47
CA ASN A 124 -22.58 12.68 -37.43
C ASN A 124 -22.97 14.01 -36.80
N PRO A 125 -23.34 14.04 -35.50
CA PRO A 125 -23.64 15.29 -34.81
C PRO A 125 -22.38 16.13 -34.59
N THR A 126 -22.48 17.45 -34.76
CA THR A 126 -21.36 18.42 -34.63
C THR A 126 -21.56 19.30 -33.39
N THR A 127 -22.73 19.24 -32.74
CA THR A 127 -23.06 20.05 -31.54
C THR A 127 -23.86 19.21 -30.53
N SER A 128 -23.80 19.58 -29.26
CA SER A 128 -24.65 19.06 -28.16
C SER A 128 -26.07 19.58 -28.34
N PRO A 129 -27.07 19.05 -27.60
CA PRO A 129 -28.43 19.59 -27.64
C PRO A 129 -28.51 21.05 -27.18
N TYR A 130 -27.48 21.54 -26.48
CA TYR A 130 -27.38 22.91 -25.92
C TYR A 130 -26.51 23.79 -26.83
N GLY A 131 -26.17 23.27 -28.03
CA GLY A 131 -25.58 24.04 -29.14
C GLY A 131 -24.07 24.15 -29.07
N ASN A 132 -23.44 23.56 -28.05
CA ASN A 132 -21.96 23.60 -27.85
C ASN A 132 -21.31 22.63 -28.84
N PRO A 133 -20.30 23.09 -29.63
CA PRO A 133 -19.64 22.21 -30.60
C PRO A 133 -18.99 21.01 -29.92
N ILE A 134 -19.07 19.84 -30.57
CA ILE A 134 -18.42 18.57 -30.12
C ILE A 134 -16.99 18.59 -30.62
N PRO A 135 -15.97 18.69 -29.73
CA PRO A 135 -14.57 18.70 -30.16
C PRO A 135 -14.01 17.29 -30.31
N GLY A 136 -12.82 17.18 -30.92
CA GLY A 136 -12.01 15.95 -30.97
C GLY A 136 -12.66 14.83 -31.76
N LEU A 137 -13.54 15.14 -32.71
CA LEU A 137 -14.17 14.12 -33.60
C LEU A 137 -13.12 13.58 -34.58
N ASP A 138 -12.14 14.41 -34.95
CA ASP A 138 -10.95 14.03 -35.75
C ASP A 138 -10.25 12.83 -35.06
N GLU A 139 -10.08 12.91 -33.74
CA GLU A 139 -9.30 11.93 -32.91
C GLU A 139 -10.00 10.58 -32.88
N LEU A 140 -11.32 10.52 -33.02
CA LEU A 140 -12.11 9.25 -33.14
C LEU A 140 -11.83 8.62 -34.50
N GLY A 141 -11.65 9.45 -35.54
CA GLY A 141 -11.40 9.05 -36.93
C GLY A 141 -12.65 9.09 -37.78
N VAL A 142 -13.74 9.66 -37.25
CA VAL A 142 -15.11 9.64 -37.86
C VAL A 142 -15.31 10.93 -38.66
N ASP B 5 -10.80 1.88 -11.76
CA ASP B 5 -10.74 0.49 -12.32
C ASP B 5 -12.10 -0.19 -12.12
N LEU B 6 -12.55 -0.35 -10.87
CA LEU B 6 -13.89 -0.88 -10.52
C LEU B 6 -14.94 0.24 -10.60
N ILE B 7 -14.50 1.50 -10.66
CA ILE B 7 -15.34 2.74 -10.63
C ILE B 7 -15.96 2.89 -9.24
N ASP B 8 -16.72 1.89 -8.77
CA ASP B 8 -17.35 1.83 -7.43
C ASP B 8 -17.07 0.46 -6.81
N THR B 9 -16.17 0.41 -5.82
CA THR B 9 -15.68 -0.84 -5.16
C THR B 9 -16.84 -1.55 -4.47
N THR B 10 -17.62 -0.82 -3.66
CA THR B 10 -18.77 -1.33 -2.85
C THR B 10 -19.77 -2.02 -3.77
N GLU B 11 -20.22 -1.34 -4.83
CA GLU B 11 -21.22 -1.86 -5.79
C GLU B 11 -20.71 -3.13 -6.47
N MET B 12 -19.40 -3.21 -6.76
CA MET B 12 -18.80 -4.37 -7.47
C MET B 12 -18.67 -5.55 -6.52
N TYR B 13 -18.40 -5.31 -5.23
CA TYR B 13 -18.38 -6.36 -4.18
C TYR B 13 -19.79 -6.94 -4.04
N LEU B 14 -20.81 -6.07 -3.94
CA LEU B 14 -22.24 -6.44 -3.84
C LEU B 14 -22.64 -7.27 -5.07
N ARG B 15 -22.23 -6.85 -6.27
CA ARG B 15 -22.63 -7.49 -7.55
C ARG B 15 -21.87 -8.80 -7.74
N THR B 16 -20.63 -8.90 -7.24
CA THR B 16 -19.82 -10.14 -7.27
C THR B 16 -20.49 -11.21 -6.37
N ILE B 17 -20.98 -10.81 -5.20
CA ILE B 17 -21.72 -11.69 -4.25
C ILE B 17 -23.02 -12.18 -4.93
N TYR B 18 -23.71 -11.29 -5.66
CA TYR B 18 -24.95 -11.59 -6.41
C TYR B 18 -24.65 -12.58 -7.54
N ASP B 19 -23.61 -12.31 -8.33
CA ASP B 19 -23.15 -13.18 -9.46
C ASP B 19 -22.95 -14.61 -8.93
N LEU B 20 -22.23 -14.75 -7.80
CA LEU B 20 -21.87 -16.06 -7.20
C LEU B 20 -23.13 -16.82 -6.77
N GLU B 21 -24.15 -16.11 -6.30
CA GLU B 21 -25.46 -16.69 -5.92
C GLU B 21 -26.15 -17.25 -7.18
N GLU B 22 -26.20 -16.46 -8.26
CA GLU B 22 -26.82 -16.84 -9.56
C GLU B 22 -26.14 -18.10 -10.12
N GLU B 23 -24.82 -18.23 -9.92
CA GLU B 23 -23.99 -19.36 -10.43
C GLU B 23 -24.01 -20.53 -9.45
N GLY B 24 -24.65 -20.36 -8.29
CA GLY B 24 -24.74 -21.40 -7.23
C GLY B 24 -23.38 -21.72 -6.63
N VAL B 25 -22.48 -20.72 -6.57
CA VAL B 25 -21.16 -20.81 -5.90
C VAL B 25 -21.27 -20.14 -4.53
N VAL B 26 -20.65 -20.72 -3.51
CA VAL B 26 -20.63 -20.18 -2.12
C VAL B 26 -19.87 -18.86 -2.13
N PRO B 27 -20.52 -17.72 -1.78
CA PRO B 27 -19.84 -16.42 -1.77
C PRO B 27 -18.85 -16.29 -0.60
N LEU B 28 -17.59 -16.64 -0.83
CA LEU B 28 -16.47 -16.40 0.12
C LEU B 28 -15.70 -15.16 -0.34
N ARG B 29 -14.97 -14.52 0.57
CA ARG B 29 -14.06 -13.38 0.28
C ARG B 29 -13.01 -13.81 -0.76
N ALA B 30 -12.56 -15.08 -0.69
CA ALA B 30 -11.58 -15.68 -1.63
C ALA B 30 -12.09 -15.61 -3.08
N ARG B 31 -13.41 -15.75 -3.28
CA ARG B 31 -14.06 -15.65 -4.61
C ARG B 31 -13.93 -14.22 -5.15
N ILE B 32 -14.20 -13.22 -4.30
CA ILE B 32 -14.11 -11.77 -4.67
C ILE B 32 -12.67 -11.44 -5.07
N ALA B 33 -11.69 -11.96 -4.33
CA ALA B 33 -10.24 -11.72 -4.53
C ALA B 33 -9.81 -12.14 -5.93
N GLU B 34 -10.13 -13.38 -6.33
CA GLU B 34 -9.70 -13.98 -7.62
C GLU B 34 -10.51 -13.38 -8.79
N ARG B 35 -11.75 -12.96 -8.55
CA ARG B 35 -12.66 -12.46 -9.62
C ARG B 35 -12.36 -10.99 -9.92
N LEU B 36 -12.27 -10.14 -8.88
CA LEU B 36 -11.95 -8.69 -9.03
C LEU B 36 -10.43 -8.49 -9.02
N GLU B 37 -9.65 -9.57 -8.90
CA GLU B 37 -8.17 -9.60 -8.99
C GLU B 37 -7.58 -8.64 -7.96
N GLN B 38 -7.96 -8.82 -6.69
CA GLN B 38 -7.45 -8.05 -5.53
C GLN B 38 -6.86 -9.02 -4.51
N SER B 39 -6.07 -8.51 -3.57
CA SER B 39 -5.39 -9.29 -2.50
C SER B 39 -6.42 -9.68 -1.44
N GLY B 40 -6.18 -10.81 -0.75
CA GLY B 40 -7.00 -11.27 0.38
C GLY B 40 -7.26 -10.15 1.39
N PRO B 41 -6.19 -9.49 1.90
CA PRO B 41 -6.32 -8.43 2.89
C PRO B 41 -7.20 -7.24 2.46
N THR B 42 -7.11 -6.84 1.18
CA THR B 42 -7.98 -5.81 0.57
C THR B 42 -9.45 -6.19 0.76
N VAL B 43 -9.80 -7.41 0.36
CA VAL B 43 -11.20 -7.93 0.34
C VAL B 43 -11.75 -7.94 1.76
N SER B 44 -10.96 -8.42 2.73
CA SER B 44 -11.36 -8.52 4.17
C SER B 44 -11.61 -7.11 4.74
N GLN B 45 -10.72 -6.15 4.45
CA GLN B 45 -10.79 -4.77 4.99
C GLN B 45 -11.99 -4.03 4.37
N THR B 46 -12.34 -4.34 3.11
CA THR B 46 -13.47 -3.71 2.37
C THR B 46 -14.78 -4.37 2.77
N VAL B 47 -14.79 -5.69 2.97
CA VAL B 47 -15.98 -6.47 3.43
C VAL B 47 -16.28 -6.09 4.89
N ALA B 48 -15.24 -5.79 5.67
CA ALA B 48 -15.35 -5.26 7.06
C ALA B 48 -16.00 -3.87 7.04
N ARG B 49 -15.65 -3.04 6.05
CA ARG B 49 -16.15 -1.66 5.87
C ARG B 49 -17.63 -1.69 5.48
N MET B 50 -18.03 -2.70 4.70
CA MET B 50 -19.43 -2.86 4.18
C MET B 50 -20.31 -3.53 5.26
N GLU B 51 -19.72 -4.37 6.10
CA GLU B 51 -20.38 -4.98 7.29
C GLU B 51 -20.77 -3.86 8.26
N ARG B 52 -19.83 -2.97 8.56
CA ARG B 52 -20.00 -1.76 9.41
C ARG B 52 -21.19 -0.93 8.90
N ASP B 53 -21.33 -0.80 7.58
CA ASP B 53 -22.37 0.05 6.92
C ASP B 53 -23.67 -0.75 6.69
N GLY B 54 -23.69 -2.03 7.10
CA GLY B 54 -24.91 -2.87 7.10
C GLY B 54 -25.37 -3.24 5.70
N LEU B 55 -24.44 -3.55 4.80
CA LEU B 55 -24.73 -4.01 3.41
C LEU B 55 -24.54 -5.53 3.31
N LEU B 56 -23.85 -6.14 4.28
CA LEU B 56 -23.69 -7.62 4.36
C LEU B 56 -23.25 -8.04 5.77
N THR B 57 -23.17 -9.35 6.01
CA THR B 57 -22.67 -9.98 7.26
C THR B 57 -21.82 -11.20 6.89
N VAL B 58 -20.78 -11.48 7.67
CA VAL B 58 -19.92 -12.68 7.54
C VAL B 58 -20.41 -13.74 8.53
N ALA B 59 -20.88 -14.89 8.03
CA ALA B 59 -21.42 -16.01 8.83
C ALA B 59 -20.28 -16.72 9.58
N GLU B 60 -20.60 -17.84 10.23
CA GLU B 60 -19.63 -18.68 11.00
C GLU B 60 -18.75 -19.46 10.01
N ASP B 61 -19.35 -20.02 8.96
CA ASP B 61 -18.64 -20.72 7.84
C ASP B 61 -17.95 -19.70 6.93
N ARG B 62 -18.09 -18.40 7.25
CA ARG B 62 -17.34 -17.25 6.64
C ARG B 62 -17.89 -16.95 5.23
N HIS B 63 -19.10 -17.42 4.90
CA HIS B 63 -19.80 -17.10 3.63
C HIS B 63 -20.51 -15.75 3.80
N LEU B 64 -20.58 -14.96 2.74
CA LEU B 64 -21.11 -13.57 2.75
C LEU B 64 -22.62 -13.60 2.45
N GLU B 65 -23.43 -13.07 3.39
CA GLU B 65 -24.89 -12.87 3.25
C GLU B 65 -25.17 -11.39 3.01
N LEU B 66 -25.93 -11.06 1.97
CA LEU B 66 -26.42 -9.68 1.71
C LEU B 66 -27.55 -9.37 2.71
N THR B 67 -27.50 -8.18 3.34
CA THR B 67 -28.63 -7.63 4.14
C THR B 67 -29.74 -7.21 3.17
N LYS B 68 -30.88 -6.74 3.71
CA LYS B 68 -32.03 -6.24 2.91
C LYS B 68 -31.56 -5.03 2.07
N ALA B 69 -30.76 -4.15 2.67
CA ALA B 69 -30.18 -2.94 2.04
C ALA B 69 -29.13 -3.34 0.99
N GLY B 70 -28.29 -4.33 1.33
CA GLY B 70 -27.26 -4.88 0.42
C GLY B 70 -27.86 -5.54 -0.80
N ARG B 71 -28.87 -6.40 -0.59
CA ARG B 71 -29.58 -7.15 -1.67
C ARG B 71 -30.27 -6.16 -2.61
N ALA B 72 -30.90 -5.12 -2.05
CA ALA B 72 -31.58 -4.03 -2.79
C ALA B 72 -30.58 -3.33 -3.70
N ARG B 73 -29.43 -2.93 -3.14
CA ARG B 73 -28.33 -2.23 -3.85
C ARG B 73 -27.71 -3.16 -4.91
N ALA B 74 -27.47 -4.43 -4.56
CA ALA B 74 -26.95 -5.46 -5.48
C ALA B 74 -27.86 -5.56 -6.71
N ILE B 75 -29.17 -5.73 -6.48
CA ILE B 75 -30.21 -5.84 -7.54
C ILE B 75 -30.18 -4.57 -8.42
N SER B 76 -30.14 -3.39 -7.80
CA SER B 76 -30.14 -2.07 -8.48
C SER B 76 -28.99 -2.00 -9.50
N VAL B 77 -27.78 -2.42 -9.11
CA VAL B 77 -26.57 -2.38 -9.98
C VAL B 77 -26.75 -3.41 -11.11
N MET B 78 -27.21 -4.62 -10.78
CA MET B 78 -27.41 -5.73 -11.75
C MET B 78 -28.50 -5.35 -12.78
N ARG B 79 -29.48 -4.56 -12.36
CA ARG B 79 -30.58 -4.06 -13.25
C ARG B 79 -30.01 -3.06 -14.25
N LYS B 80 -29.24 -2.08 -13.77
CA LYS B 80 -28.54 -1.05 -14.59
C LYS B 80 -27.61 -1.73 -15.60
N HIS B 81 -26.83 -2.70 -15.14
CA HIS B 81 -25.89 -3.52 -15.96
C HIS B 81 -26.62 -4.11 -17.17
N ARG B 82 -27.72 -4.83 -16.94
CA ARG B 82 -28.38 -5.65 -17.98
C ARG B 82 -29.24 -4.76 -18.89
N LEU B 83 -29.78 -3.65 -18.37
CA LEU B 83 -30.46 -2.61 -19.21
C LEU B 83 -29.42 -1.91 -20.09
N ALA B 84 -28.23 -1.63 -19.56
CA ALA B 84 -27.09 -1.04 -20.31
C ALA B 84 -26.67 -2.00 -21.43
N GLU B 85 -26.54 -3.29 -21.11
CA GLU B 85 -26.15 -4.35 -22.09
C GLU B 85 -27.19 -4.38 -23.21
N ARG B 86 -28.48 -4.29 -22.87
CA ARG B 86 -29.60 -4.27 -23.85
C ARG B 86 -29.47 -3.04 -24.75
N LEU B 87 -29.27 -1.85 -24.16
CA LEU B 87 -29.14 -0.57 -24.91
C LEU B 87 -27.96 -0.65 -25.89
N LEU B 88 -26.80 -1.13 -25.43
CA LEU B 88 -25.55 -1.19 -26.23
C LEU B 88 -25.72 -2.15 -27.41
N VAL B 89 -26.52 -3.22 -27.24
CA VAL B 89 -26.79 -4.22 -28.31
C VAL B 89 -27.93 -3.71 -29.19
N ASP B 90 -29.11 -3.46 -28.61
CA ASP B 90 -30.38 -3.24 -29.34
C ASP B 90 -30.36 -1.91 -30.11
N VAL B 91 -29.79 -0.85 -29.52
CA VAL B 91 -29.89 0.54 -30.02
C VAL B 91 -28.54 1.01 -30.56
N ILE B 92 -27.50 1.05 -29.72
CA ILE B 92 -26.16 1.62 -30.05
C ILE B 92 -25.44 0.72 -31.07
N GLY B 93 -25.49 -0.60 -30.88
CA GLY B 93 -24.93 -1.59 -31.81
C GLY B 93 -23.46 -1.85 -31.54
N LEU B 94 -23.05 -1.85 -30.26
CA LEU B 94 -21.68 -2.23 -29.82
C LEU B 94 -21.54 -3.75 -29.99
N GLU B 95 -20.36 -4.19 -30.43
CA GLU B 95 -20.06 -5.61 -30.77
C GLU B 95 -20.29 -6.49 -29.52
N TRP B 96 -20.89 -7.67 -29.73
CA TRP B 96 -21.35 -8.63 -28.68
C TRP B 96 -20.29 -8.82 -27.59
N GLU B 97 -19.01 -8.93 -27.96
CA GLU B 97 -17.89 -9.31 -27.04
C GLU B 97 -17.43 -8.11 -26.20
N GLN B 98 -17.81 -6.88 -26.56
CA GLN B 98 -17.33 -5.64 -25.90
C GLN B 98 -18.41 -5.06 -24.96
N VAL B 99 -19.61 -5.63 -24.95
CA VAL B 99 -20.82 -5.02 -24.32
C VAL B 99 -20.71 -5.12 -22.79
N HIS B 100 -20.39 -6.30 -22.25
CA HIS B 100 -20.28 -6.53 -20.79
C HIS B 100 -19.26 -5.56 -20.19
N LEU B 101 -18.07 -5.47 -20.79
CA LEU B 101 -16.95 -4.62 -20.31
C LEU B 101 -17.44 -3.17 -20.19
N GLU B 102 -18.18 -2.68 -21.20
CA GLU B 102 -18.76 -1.32 -21.20
C GLU B 102 -19.78 -1.20 -20.06
N ALA B 103 -20.70 -2.17 -19.97
CA ALA B 103 -21.80 -2.23 -18.98
C ALA B 103 -21.24 -2.31 -17.57
N ARG B 105 -18.90 -0.69 -16.38
CA ARG B 105 -18.65 0.67 -15.90
C ARG B 105 -19.96 1.46 -15.82
N TRP B 106 -20.83 1.30 -16.82
CA TRP B 106 -22.11 2.06 -16.96
C TRP B 106 -23.04 1.80 -15.77
N GLU B 107 -23.05 0.56 -15.27
CA GLU B 107 -23.92 0.11 -14.15
C GLU B 107 -23.73 1.01 -12.90
N HIS B 108 -22.64 1.79 -12.84
CA HIS B 108 -22.25 2.58 -11.65
C HIS B 108 -22.66 4.06 -11.78
N VAL B 109 -23.00 4.55 -12.97
CA VAL B 109 -23.27 5.99 -13.23
C VAL B 109 -24.72 6.23 -13.67
N MET B 110 -25.47 5.20 -14.05
CA MET B 110 -26.86 5.33 -14.58
C MET B 110 -27.82 5.66 -13.43
N SER B 111 -28.71 6.63 -13.64
CA SER B 111 -29.81 7.01 -12.70
C SER B 111 -31.01 6.09 -12.95
N GLU B 112 -31.87 5.93 -11.94
CA GLU B 112 -33.20 5.26 -12.06
C GLU B 112 -34.02 5.94 -13.15
N ALA B 113 -33.97 7.28 -13.21
CA ALA B 113 -34.65 8.12 -14.23
C ALA B 113 -34.34 7.56 -15.63
N VAL B 114 -33.07 7.32 -15.93
CA VAL B 114 -32.61 6.81 -17.25
C VAL B 114 -33.09 5.37 -17.43
N GLU B 115 -33.05 4.55 -16.37
CA GLU B 115 -33.50 3.14 -16.42
C GLU B 115 -34.95 3.09 -16.89
N ARG B 116 -35.80 3.94 -16.31
CA ARG B 116 -37.25 4.03 -16.64
C ARG B 116 -37.42 4.34 -18.13
N LYS B 117 -36.64 5.29 -18.66
CA LYS B 117 -36.67 5.69 -20.10
C LYS B 117 -36.22 4.50 -20.96
N LEU B 118 -35.22 3.74 -20.50
CA LEU B 118 -34.63 2.59 -21.25
C LEU B 118 -35.65 1.45 -21.30
N VAL B 119 -36.40 1.22 -20.21
CA VAL B 119 -37.48 0.20 -20.13
C VAL B 119 -38.50 0.45 -21.26
N LYS B 120 -38.95 1.70 -21.42
CA LYS B 120 -39.91 2.12 -22.48
C LYS B 120 -39.26 1.96 -23.85
N LEU B 121 -38.03 2.45 -24.02
CA LEU B 121 -37.27 2.44 -25.31
C LEU B 121 -37.04 0.99 -25.77
N LEU B 122 -36.73 0.08 -24.85
CA LEU B 122 -36.28 -1.31 -25.17
C LEU B 122 -37.46 -2.29 -25.11
N GLY B 123 -38.65 -1.82 -24.72
CA GLY B 123 -39.91 -2.59 -24.80
C GLY B 123 -40.09 -3.53 -23.62
N ASN B 124 -39.79 -3.07 -22.41
CA ASN B 124 -39.92 -3.83 -21.13
C ASN B 124 -39.12 -5.14 -21.25
N PRO B 125 -37.78 -5.06 -21.43
CA PRO B 125 -36.95 -6.25 -21.55
C PRO B 125 -36.87 -6.99 -20.21
N THR B 126 -36.84 -8.33 -20.25
CA THR B 126 -36.79 -9.23 -19.06
C THR B 126 -35.46 -9.98 -18.99
N THR B 127 -34.65 -9.96 -20.05
CA THR B 127 -33.36 -10.69 -20.12
C THR B 127 -32.30 -9.82 -20.81
N SER B 128 -31.03 -9.98 -20.41
CA SER B 128 -29.85 -9.34 -21.04
C SER B 128 -29.60 -10.02 -22.38
N PRO B 129 -28.70 -9.48 -23.24
CA PRO B 129 -28.33 -10.14 -24.49
C PRO B 129 -27.65 -11.51 -24.30
N TYR B 130 -27.25 -11.83 -23.07
CA TYR B 130 -26.59 -13.12 -22.68
C TYR B 130 -27.59 -14.01 -21.95
N GLY B 131 -28.89 -13.68 -22.02
CA GLY B 131 -30.00 -14.56 -21.60
C GLY B 131 -30.26 -14.53 -20.10
N ASN B 132 -29.63 -13.61 -19.37
CA ASN B 132 -29.73 -13.50 -17.89
C ASN B 132 -30.96 -12.67 -17.52
N PRO B 133 -31.85 -13.17 -16.62
CA PRO B 133 -32.98 -12.40 -16.14
C PRO B 133 -32.58 -11.02 -15.58
N ILE B 134 -33.30 -9.97 -15.96
CA ILE B 134 -33.13 -8.58 -15.45
C ILE B 134 -33.98 -8.43 -14.18
N PRO B 135 -33.36 -8.26 -12.98
CA PRO B 135 -34.11 -8.12 -11.74
C PRO B 135 -34.45 -6.66 -11.36
N GLY B 136 -35.20 -6.49 -10.27
CA GLY B 136 -35.51 -5.19 -9.64
C GLY B 136 -36.39 -4.29 -10.49
N LEU B 137 -37.08 -4.86 -11.48
CA LEU B 137 -37.97 -4.09 -12.41
C LEU B 137 -39.20 -3.59 -11.64
N ASP B 138 -39.59 -4.28 -10.57
CA ASP B 138 -40.71 -3.89 -9.66
C ASP B 138 -40.38 -2.54 -8.99
N GLU B 139 -39.14 -2.34 -8.55
CA GLU B 139 -38.67 -1.12 -7.84
C GLU B 139 -38.78 0.11 -8.77
N LEU B 140 -38.45 -0.06 -10.06
CA LEU B 140 -38.53 1.04 -11.07
C LEU B 140 -39.98 1.54 -11.17
N GLY B 141 -40.91 0.63 -11.43
CA GLY B 141 -42.34 0.91 -11.68
C GLY B 141 -42.92 0.11 -12.84
N VAL B 142 -42.33 -1.06 -13.14
CA VAL B 142 -42.78 -2.01 -14.20
C VAL B 142 -43.61 -3.11 -13.52
N PRO B 148 -41.00 -16.91 -15.47
CA PRO B 148 -40.60 -18.13 -16.19
C PRO B 148 -39.90 -19.13 -15.26
N VAL B 149 -40.29 -20.41 -15.35
CA VAL B 149 -39.70 -21.52 -14.53
C VAL B 149 -38.32 -21.86 -15.10
N ASP B 150 -37.27 -21.58 -14.31
CA ASP B 150 -35.83 -21.75 -14.71
C ASP B 150 -35.20 -22.92 -13.94
N THR B 151 -36.02 -23.80 -13.35
CA THR B 151 -35.58 -24.97 -12.55
C THR B 151 -35.15 -26.12 -13.48
N ASP B 152 -35.57 -26.07 -14.75
CA ASP B 152 -35.30 -27.12 -15.77
C ASP B 152 -33.94 -26.89 -16.43
N LEU B 153 -33.26 -25.77 -16.13
CA LEU B 153 -31.92 -25.43 -16.66
C LEU B 153 -30.86 -26.24 -15.91
N ARG B 154 -29.82 -26.69 -16.62
CA ARG B 154 -28.69 -27.48 -16.07
C ARG B 154 -27.38 -26.94 -16.65
N ARG B 155 -26.29 -27.03 -15.87
CA ARG B 155 -24.95 -26.46 -16.20
C ARG B 155 -24.21 -27.41 -17.14
N VAL B 156 -23.52 -26.88 -18.16
CA VAL B 156 -22.86 -27.64 -19.26
C VAL B 156 -21.88 -28.66 -18.65
N ASP B 157 -21.17 -28.29 -17.57
CA ASP B 157 -20.19 -29.17 -16.86
C ASP B 157 -20.92 -30.40 -16.32
N GLU B 158 -22.07 -30.19 -15.66
CA GLU B 158 -22.89 -31.24 -15.00
C GLU B 158 -23.56 -32.11 -16.07
N VAL B 159 -23.96 -31.51 -17.19
CA VAL B 159 -24.59 -32.22 -18.35
C VAL B 159 -23.55 -33.20 -18.93
N ALA B 160 -22.29 -32.77 -19.07
CA ALA B 160 -21.16 -33.58 -19.60
C ALA B 160 -20.83 -34.71 -18.62
N ARG B 161 -20.85 -34.42 -17.31
CA ARG B 161 -20.51 -35.38 -16.22
C ARG B 161 -21.63 -36.40 -16.03
N SER B 162 -22.84 -36.12 -16.54
CA SER B 162 -24.04 -37.01 -16.45
C SER B 162 -24.24 -37.77 -17.78
N GLY B 163 -23.36 -37.58 -18.76
CA GLY B 163 -23.36 -38.36 -20.03
C GLY B 163 -23.34 -37.49 -21.27
N GLY B 164 -23.53 -36.17 -21.13
CA GLY B 164 -23.54 -35.22 -22.27
C GLY B 164 -24.87 -35.25 -23.00
N GLY B 165 -24.85 -34.98 -24.31
CA GLY B 165 -26.04 -34.92 -25.20
C GLY B 165 -26.27 -33.52 -25.74
N ARG B 166 -27.23 -33.38 -26.66
CA ARG B 166 -27.60 -32.09 -27.30
C ARG B 166 -28.38 -31.23 -26.31
N ALA B 167 -28.18 -29.91 -26.34
CA ALA B 167 -28.81 -28.93 -25.41
C ALA B 167 -28.89 -27.54 -26.05
N LEU B 168 -29.87 -26.74 -25.62
CA LEU B 168 -30.11 -25.35 -26.10
C LEU B 168 -29.46 -24.37 -25.11
N VAL B 169 -28.56 -23.51 -25.60
CA VAL B 169 -27.86 -22.47 -24.79
C VAL B 169 -28.90 -21.43 -24.36
N CYS B 170 -28.98 -21.16 -23.05
CA CYS B 170 -29.99 -20.26 -22.43
C CYS B 170 -29.31 -19.05 -21.77
N ARG B 171 -28.26 -19.27 -20.98
CA ARG B 171 -27.55 -18.20 -20.22
C ARG B 171 -26.03 -18.36 -20.32
N ILE B 172 -25.33 -17.23 -20.42
CA ILE B 172 -23.85 -17.11 -20.23
C ILE B 172 -23.64 -16.09 -19.09
N ALA B 173 -23.08 -16.55 -17.96
CA ALA B 173 -22.94 -15.76 -16.71
C ALA B 173 -21.97 -14.60 -16.93
N GLU B 174 -22.03 -13.60 -16.04
CA GLU B 174 -21.21 -12.36 -16.08
C GLU B 174 -19.73 -12.73 -16.06
N HIS B 175 -19.39 -13.72 -15.22
CA HIS B 175 -18.04 -14.36 -15.09
C HIS B 175 -17.43 -14.59 -16.48
N VAL B 176 -18.14 -15.28 -17.37
CA VAL B 176 -17.68 -15.67 -18.73
C VAL B 176 -17.52 -14.43 -19.62
N GLN B 177 -18.41 -13.44 -19.46
CA GLN B 177 -18.50 -12.24 -20.35
C GLN B 177 -17.28 -11.34 -20.18
N LEU B 178 -16.49 -11.55 -19.12
CA LEU B 178 -15.34 -10.69 -18.74
C LEU B 178 -14.17 -10.88 -19.73
N ASP B 179 -14.14 -12.02 -20.44
CA ASP B 179 -13.09 -12.41 -21.42
C ASP B 179 -13.58 -12.13 -22.84
N PRO B 180 -13.24 -10.97 -23.46
CA PRO B 180 -13.70 -10.63 -24.80
C PRO B 180 -13.31 -11.65 -25.89
N ASP B 181 -12.08 -12.15 -25.86
CA ASP B 181 -11.53 -13.11 -26.84
C ASP B 181 -12.32 -14.41 -26.81
N LEU B 182 -12.71 -14.87 -25.61
CA LEU B 182 -13.56 -16.08 -25.41
C LEU B 182 -14.95 -15.84 -26.01
N MET B 183 -15.55 -14.69 -25.72
CA MET B 183 -16.91 -14.30 -26.21
C MET B 183 -16.89 -14.23 -27.74
N SER B 184 -15.80 -13.76 -28.34
CA SER B 184 -15.57 -13.72 -29.81
C SER B 184 -15.54 -15.16 -30.37
N GLU B 185 -14.92 -16.09 -29.64
CA GLU B 185 -14.81 -17.53 -30.01
C GLU B 185 -16.21 -18.15 -29.97
N LEU B 186 -16.91 -18.01 -28.83
CA LEU B 186 -18.28 -18.55 -28.61
C LEU B 186 -19.21 -18.09 -29.74
N LYS B 187 -19.12 -16.82 -30.13
CA LYS B 187 -19.98 -16.19 -31.17
C LYS B 187 -19.72 -16.82 -32.53
N LYS B 188 -18.43 -17.03 -32.88
CA LYS B 188 -18.01 -17.59 -34.20
C LYS B 188 -18.38 -19.08 -34.27
N VAL B 189 -18.22 -19.81 -33.16
CA VAL B 189 -18.54 -21.27 -33.06
C VAL B 189 -20.07 -21.45 -33.00
N GLY B 190 -20.78 -20.48 -32.43
CA GLY B 190 -22.26 -20.47 -32.33
C GLY B 190 -22.76 -20.99 -30.99
N VAL B 191 -21.98 -20.81 -29.93
CA VAL B 191 -22.36 -21.11 -28.52
C VAL B 191 -22.88 -19.81 -27.88
N VAL B 192 -24.08 -19.39 -28.29
CA VAL B 192 -24.76 -18.13 -27.85
C VAL B 192 -26.20 -18.49 -27.48
N PRO B 193 -26.87 -17.69 -26.62
CA PRO B 193 -28.29 -17.91 -26.30
C PRO B 193 -29.14 -18.20 -27.55
N GLY B 194 -30.01 -19.20 -27.46
CA GLY B 194 -30.98 -19.56 -28.52
C GLY B 194 -30.35 -20.38 -29.64
N ASN B 195 -29.17 -20.97 -29.41
CA ASN B 195 -28.50 -21.90 -30.36
C ASN B 195 -28.31 -23.26 -29.69
N GLU B 196 -28.48 -24.33 -30.47
CA GLU B 196 -28.29 -25.75 -30.02
C GLU B 196 -26.78 -26.05 -30.00
N ILE B 197 -26.34 -26.87 -29.06
CA ILE B 197 -24.93 -27.39 -28.95
C ILE B 197 -24.97 -28.88 -28.61
N ASP B 198 -23.93 -29.61 -29.00
CA ASP B 198 -23.68 -31.03 -28.62
C ASP B 198 -22.56 -31.07 -27.59
N ILE B 199 -22.89 -31.40 -26.34
CA ILE B 199 -21.94 -31.48 -25.19
C ILE B 199 -21.37 -32.91 -25.12
N VAL B 200 -20.06 -33.05 -25.31
CA VAL B 200 -19.33 -34.37 -25.29
C VAL B 200 -19.15 -34.80 -23.83
N ALA B 201 -19.18 -36.11 -23.58
CA ALA B 201 -19.19 -36.73 -22.23
C ALA B 201 -17.77 -36.76 -21.64
N VAL B 202 -17.65 -36.43 -20.35
CA VAL B 202 -16.39 -36.53 -19.54
C VAL B 202 -16.73 -37.21 -18.21
N ALA B 203 -15.74 -37.80 -17.54
CA ALA B 203 -15.90 -38.65 -16.33
C ALA B 203 -15.58 -37.86 -15.06
N GLY B 204 -14.51 -37.04 -15.08
CA GLY B 204 -13.93 -36.39 -13.88
C GLY B 204 -14.15 -34.88 -13.85
N VAL B 205 -14.15 -34.30 -12.65
CA VAL B 205 -14.18 -32.83 -12.40
C VAL B 205 -12.81 -32.24 -12.76
N ASN B 206 -12.76 -30.92 -13.00
CA ASN B 206 -11.53 -30.16 -13.35
C ASN B 206 -11.02 -30.59 -14.74
N LYS B 207 -11.93 -31.10 -15.59
CA LYS B 207 -11.62 -31.55 -16.98
C LYS B 207 -12.31 -30.62 -17.97
N PRO B 208 -11.61 -30.17 -19.04
CA PRO B 208 -12.23 -29.28 -20.03
C PRO B 208 -13.29 -30.00 -20.86
N ILE B 209 -14.49 -29.41 -20.95
CA ILE B 209 -15.66 -29.96 -21.70
C ILE B 209 -15.54 -29.50 -23.16
N GLN B 210 -15.67 -30.44 -24.10
CA GLN B 210 -15.76 -30.18 -25.56
C GLN B 210 -17.23 -29.90 -25.90
N VAL B 211 -17.49 -28.92 -26.78
CA VAL B 211 -18.86 -28.55 -27.25
C VAL B 211 -18.79 -28.27 -28.76
N GLN B 212 -19.82 -28.70 -29.50
CA GLN B 212 -19.95 -28.55 -30.98
C GLN B 212 -21.12 -27.61 -31.30
N GLY B 213 -20.82 -26.47 -31.92
CA GLY B 213 -21.81 -25.47 -32.36
C GLY B 213 -22.20 -25.65 -33.81
N SER B 214 -22.97 -24.70 -34.36
CA SER B 214 -23.49 -24.71 -35.76
C SER B 214 -22.34 -24.47 -36.74
N GLU B 215 -21.29 -23.74 -36.33
CA GLU B 215 -20.13 -23.37 -37.18
C GLU B 215 -18.83 -23.78 -36.50
N GLY B 216 -18.74 -25.06 -36.07
CA GLY B 216 -17.53 -25.65 -35.47
C GLY B 216 -17.74 -26.04 -34.02
N GLY B 217 -16.64 -26.23 -33.28
CA GLY B 217 -16.64 -26.62 -31.86
C GLY B 217 -15.41 -26.08 -31.13
N THR B 218 -15.42 -26.10 -29.80
CA THR B 218 -14.36 -25.49 -28.94
C THR B 218 -14.32 -26.18 -27.57
N GLN B 219 -13.32 -25.83 -26.76
CA GLN B 219 -13.10 -26.35 -25.38
C GLN B 219 -13.53 -25.29 -24.36
N LEU B 220 -14.25 -25.70 -23.32
CA LEU B 220 -14.65 -24.85 -22.17
C LEU B 220 -13.95 -25.36 -20.91
N GLN B 221 -13.35 -24.45 -20.12
CA GLN B 221 -12.72 -24.78 -18.82
C GLN B 221 -13.81 -25.08 -17.79
N PRO B 222 -13.51 -25.87 -16.73
CA PRO B 222 -14.54 -26.28 -15.76
C PRO B 222 -15.37 -25.13 -15.18
N GLY B 223 -14.72 -24.00 -14.86
CA GLY B 223 -15.36 -22.80 -14.28
C GLY B 223 -16.21 -22.05 -15.30
N ILE B 224 -15.83 -22.11 -16.58
CA ILE B 224 -16.58 -21.52 -17.72
C ILE B 224 -17.84 -22.37 -17.98
N ALA B 225 -17.66 -23.68 -18.12
CA ALA B 225 -18.74 -24.67 -18.39
C ALA B 225 -19.79 -24.65 -17.26
N HIS B 226 -19.35 -24.44 -16.02
CA HIS B 226 -20.23 -24.33 -14.82
C HIS B 226 -21.10 -23.06 -14.93
N ALA B 227 -20.63 -22.04 -15.66
CA ALA B 227 -21.25 -20.70 -15.76
C ALA B 227 -22.16 -20.62 -16.99
N VAL B 228 -22.16 -21.64 -17.86
CA VAL B 228 -23.05 -21.74 -19.05
C VAL B 228 -24.19 -22.71 -18.72
N MET B 229 -25.44 -22.24 -18.75
CA MET B 229 -26.66 -23.02 -18.44
C MET B 229 -27.43 -23.30 -19.75
N VAL B 230 -27.96 -24.51 -19.89
CA VAL B 230 -28.65 -25.01 -21.11
C VAL B 230 -29.95 -25.72 -20.71
N ARG B 231 -30.83 -25.98 -21.69
CA ARG B 231 -31.98 -26.90 -21.57
C ARG B 231 -31.76 -28.07 -22.53
N VAL B 232 -31.72 -29.30 -22.01
CA VAL B 232 -31.35 -30.54 -22.76
C VAL B 232 -32.51 -30.93 -23.67
N ASP C 5 13.57 -1.71 8.59
CA ASP C 5 13.99 -0.28 8.50
C ASP C 5 13.98 0.32 9.91
N LEU C 6 12.82 0.37 10.57
CA LEU C 6 12.67 0.82 11.98
C LEU C 6 12.99 -0.34 12.94
N ILE C 7 13.00 -1.58 12.42
CA ILE C 7 13.17 -2.87 13.17
C ILE C 7 11.89 -3.12 14.00
N ASP C 8 11.52 -2.19 14.87
CA ASP C 8 10.29 -2.25 15.70
C ASP C 8 9.57 -0.90 15.61
N THR C 9 8.42 -0.87 14.92
CA THR C 9 7.60 0.34 14.66
C THR C 9 7.14 0.95 16.00
N THR C 10 6.48 0.13 16.82
CA THR C 10 5.85 0.52 18.12
C THR C 10 6.89 1.22 19.01
N GLU C 11 8.02 0.56 19.26
CA GLU C 11 9.12 1.06 20.12
C GLU C 11 9.62 2.41 19.57
N MET C 12 9.67 2.58 18.25
CA MET C 12 10.23 3.81 17.60
C MET C 12 9.20 4.94 17.67
N TYR C 13 7.90 4.62 17.62
CA TYR C 13 6.79 5.59 17.83
C TYR C 13 6.82 6.08 19.28
N LEU C 14 7.00 5.15 20.23
CA LEU C 14 7.14 5.46 21.69
C LEU C 14 8.36 6.33 21.92
N ARG C 15 9.49 6.01 21.28
CA ARG C 15 10.78 6.69 21.50
C ARG C 15 10.76 8.07 20.83
N THR C 16 10.05 8.23 19.72
CA THR C 16 9.88 9.52 19.00
C THR C 16 9.06 10.47 19.87
N ILE C 17 8.01 9.97 20.51
CA ILE C 17 7.15 10.75 21.48
C ILE C 17 8.02 11.21 22.65
N TYR C 18 8.89 10.34 23.17
CA TYR C 18 9.84 10.62 24.28
C TYR C 18 10.83 11.70 23.85
N ASP C 19 11.48 11.53 22.69
CA ASP C 19 12.44 12.51 22.10
C ASP C 19 11.79 13.90 22.07
N LEU C 20 10.54 14.00 21.60
CA LEU C 20 9.81 15.28 21.40
C LEU C 20 9.58 15.97 22.75
N GLU C 21 9.25 15.19 23.79
CA GLU C 21 9.08 15.69 25.18
C GLU C 21 10.41 16.26 25.67
N GLU C 22 11.50 15.50 25.53
CA GLU C 22 12.88 15.89 25.93
C GLU C 22 13.28 17.21 25.27
N GLU C 23 12.87 17.42 24.00
CA GLU C 23 13.25 18.61 23.19
C GLU C 23 12.23 19.74 23.39
N GLY C 24 11.22 19.53 24.25
CA GLY C 24 10.16 20.52 24.55
C GLY C 24 9.34 20.86 23.32
N VAL C 25 9.11 19.88 22.44
CA VAL C 25 8.23 19.99 21.23
C VAL C 25 6.94 19.23 21.52
N VAL C 26 5.80 19.77 21.10
CA VAL C 26 4.45 19.15 21.29
C VAL C 26 4.38 17.90 20.43
N PRO C 27 4.23 16.69 21.03
CA PRO C 27 4.21 15.45 20.25
C PRO C 27 2.89 15.28 19.48
N LEU C 28 2.85 15.81 18.25
CA LEU C 28 1.77 15.56 17.26
C LEU C 28 2.20 14.39 16.37
N ARG C 29 1.23 13.73 15.74
CA ARG C 29 1.47 12.66 14.74
C ARG C 29 2.26 13.22 13.55
N ALA C 30 2.05 14.50 13.21
CA ALA C 30 2.78 15.23 12.14
C ALA C 30 4.29 15.24 12.42
N ARG C 31 4.69 15.22 13.69
CA ARG C 31 6.12 15.13 14.10
C ARG C 31 6.67 13.75 13.77
N ILE C 32 5.90 12.69 14.08
CA ILE C 32 6.31 11.26 13.87
C ILE C 32 6.45 10.99 12.36
N ALA C 33 5.56 11.57 11.54
CA ALA C 33 5.56 11.49 10.07
C ALA C 33 6.87 12.08 9.52
N GLU C 34 7.18 13.32 9.89
CA GLU C 34 8.41 14.05 9.48
C GLU C 34 9.66 13.25 9.86
N ARG C 35 9.76 12.82 11.11
CA ARG C 35 11.01 12.30 11.73
C ARG C 35 11.29 10.88 11.24
N LEU C 36 10.29 10.00 11.26
CA LEU C 36 10.42 8.59 10.82
C LEU C 36 10.17 8.48 9.30
N GLU C 37 9.90 9.62 8.63
CA GLU C 37 9.73 9.73 7.16
C GLU C 37 8.63 8.78 6.70
N GLN C 38 7.45 8.86 7.31
CA GLN C 38 6.28 8.00 7.00
C GLN C 38 5.10 8.90 6.63
N SER C 39 4.11 8.35 5.93
CA SER C 39 2.88 9.04 5.47
C SER C 39 1.98 9.33 6.67
N GLY C 40 1.25 10.44 6.65
CA GLY C 40 0.26 10.80 7.68
C GLY C 40 -0.66 9.63 7.99
N PRO C 41 -1.33 9.04 6.97
CA PRO C 41 -2.24 7.91 7.17
C PRO C 41 -1.61 6.70 7.88
N THR C 42 -0.32 6.42 7.65
CA THR C 42 0.42 5.31 8.30
C THR C 42 0.56 5.61 9.80
N VAL C 43 0.88 6.85 10.14
CA VAL C 43 1.11 7.30 11.55
C VAL C 43 -0.22 7.20 12.32
N SER C 44 -1.31 7.71 11.76
CA SER C 44 -2.67 7.65 12.36
C SER C 44 -3.07 6.19 12.62
N GLN C 45 -2.89 5.31 11.63
CA GLN C 45 -3.30 3.88 11.70
C GLN C 45 -2.45 3.12 12.73
N THR C 46 -1.16 3.49 12.89
CA THR C 46 -0.23 2.86 13.85
C THR C 46 -0.49 3.41 15.26
N VAL C 47 -0.73 4.73 15.38
CA VAL C 47 -1.04 5.41 16.68
C VAL C 47 -2.39 4.88 17.20
N ALA C 48 -3.34 4.62 16.30
CA ALA C 48 -4.65 4.00 16.60
C ALA C 48 -4.44 2.57 17.14
N ARG C 49 -3.50 1.83 16.56
CA ARG C 49 -3.13 0.44 16.94
C ARG C 49 -2.53 0.45 18.36
N MET C 50 -1.72 1.46 18.67
CA MET C 50 -1.00 1.62 19.96
C MET C 50 -1.98 2.13 21.03
N GLU C 51 -2.94 2.97 20.64
CA GLU C 51 -4.03 3.48 21.51
C GLU C 51 -4.87 2.28 21.99
N ARG C 52 -5.24 1.39 21.06
CA ARG C 52 -5.99 0.13 21.31
C ARG C 52 -5.24 -0.74 22.34
N ASP C 53 -3.91 -0.78 22.27
CA ASP C 53 -3.05 -1.63 23.14
C ASP C 53 -2.66 -0.87 24.41
N GLY C 54 -3.18 0.35 24.62
CA GLY C 54 -3.04 1.13 25.86
C GLY C 54 -1.61 1.57 26.13
N LEU C 55 -0.87 1.93 25.07
CA LEU C 55 0.53 2.44 25.16
C LEU C 55 0.52 3.98 25.06
N LEU C 56 -0.56 4.57 24.55
CA LEU C 56 -0.73 6.05 24.49
C LEU C 56 -2.21 6.41 24.34
N THR C 57 -2.52 7.71 24.41
CA THR C 57 -3.88 8.29 24.18
C THR C 57 -3.70 9.55 23.32
N VAL C 58 -4.69 9.84 22.47
CA VAL C 58 -4.76 11.09 21.64
C VAL C 58 -5.73 12.06 22.33
N ALA C 59 -5.21 13.19 22.82
CA ALA C 59 -5.98 14.25 23.51
C ALA C 59 -6.89 14.98 22.52
N GLU C 60 -7.62 16.01 22.99
CA GLU C 60 -8.56 16.82 22.18
C GLU C 60 -7.78 17.72 21.23
N ASP C 61 -6.67 18.31 21.70
CA ASP C 61 -5.73 19.14 20.88
C ASP C 61 -4.86 18.21 20.01
N ARG C 62 -5.05 16.89 20.14
CA ARG C 62 -4.54 15.83 19.24
C ARG C 62 -3.03 15.58 19.50
N HIS C 63 -2.52 16.00 20.66
CA HIS C 63 -1.13 15.72 21.10
C HIS C 63 -1.12 14.35 21.78
N LEU C 64 -0.01 13.61 21.63
CA LEU C 64 0.13 12.20 22.10
C LEU C 64 0.66 12.18 23.53
N GLU C 65 -0.09 11.54 24.44
CA GLU C 65 0.31 11.28 25.85
C GLU C 65 0.69 9.80 25.98
N LEU C 66 1.83 9.51 26.59
CA LEU C 66 2.24 8.13 26.96
C LEU C 66 1.45 7.69 28.19
N THR C 67 0.89 6.48 28.18
CA THR C 67 0.29 5.83 29.37
C THR C 67 1.43 5.38 30.30
N LYS C 68 1.09 4.83 31.47
CA LYS C 68 2.07 4.31 32.47
C LYS C 68 2.88 3.18 31.83
N ALA C 69 2.21 2.28 31.09
CA ALA C 69 2.82 1.16 30.34
C ALA C 69 3.64 1.68 29.16
N GLY C 70 3.14 2.74 28.49
CA GLY C 70 3.80 3.40 27.36
C GLY C 70 5.10 4.06 27.77
N ARG C 71 5.05 4.89 28.81
CA ARG C 71 6.22 5.65 29.35
C ARG C 71 7.29 4.66 29.82
N ALA C 72 6.88 3.56 30.46
CA ALA C 72 7.76 2.47 30.94
C ALA C 72 8.54 1.89 29.75
N ARG C 73 7.82 1.54 28.67
CA ARG C 73 8.40 0.92 27.44
C ARG C 73 9.30 1.93 26.72
N ALA C 74 8.88 3.20 26.63
CA ALA C 74 9.65 4.30 26.01
C ALA C 74 11.01 4.45 26.71
N ILE C 75 11.01 4.49 28.05
CA ILE C 75 12.24 4.61 28.90
C ILE C 75 13.13 3.38 28.68
N SER C 76 12.55 2.19 28.66
CA SER C 76 13.27 0.90 28.45
C SER C 76 14.06 0.94 27.14
N VAL C 77 13.43 1.38 26.04
CA VAL C 77 14.06 1.49 24.69
C VAL C 77 15.18 2.54 24.76
N MET C 78 14.89 3.70 25.36
CA MET C 78 15.82 4.87 25.43
C MET C 78 17.04 4.52 26.29
N ARG C 79 16.84 3.73 27.36
CA ARG C 79 17.92 3.25 28.25
C ARG C 79 18.87 2.35 27.45
N LYS C 80 18.32 1.38 26.73
CA LYS C 80 19.05 0.44 25.83
C LYS C 80 19.84 1.24 24.79
N HIS C 81 19.22 2.27 24.20
CA HIS C 81 19.82 3.14 23.17
C HIS C 81 21.13 3.76 23.69
N ARG C 82 21.11 4.34 24.89
CA ARG C 82 22.21 5.19 25.42
C ARG C 82 23.28 4.32 26.08
N LEU C 83 22.90 3.17 26.65
CA LEU C 83 23.87 2.12 27.09
C LEU C 83 24.55 1.51 25.85
N ALA C 84 23.82 1.40 24.72
CA ALA C 84 24.36 0.92 23.42
C ALA C 84 25.37 1.93 22.90
N GLU C 85 25.04 3.23 22.95
CA GLU C 85 25.90 4.33 22.45
C GLU C 85 27.20 4.36 23.27
N ARG C 86 27.08 4.19 24.59
CA ARG C 86 28.22 4.15 25.54
C ARG C 86 29.14 2.98 25.18
N LEU C 87 28.59 1.77 25.04
CA LEU C 87 29.34 0.54 24.70
C LEU C 87 30.13 0.76 23.40
N LEU C 88 29.49 1.36 22.38
CA LEU C 88 30.06 1.52 21.02
C LEU C 88 31.21 2.55 21.05
N VAL C 89 31.12 3.55 21.92
CA VAL C 89 32.14 4.64 22.06
C VAL C 89 33.25 4.19 23.02
N ASP C 90 32.88 3.71 24.21
CA ASP C 90 33.82 3.47 25.35
C ASP C 90 34.64 2.18 25.11
N VAL C 91 34.03 1.14 24.55
CA VAL C 91 34.62 -0.25 24.49
C VAL C 91 34.95 -0.61 23.04
N ILE C 92 33.98 -0.56 22.13
CA ILE C 92 34.10 -1.05 20.73
C ILE C 92 34.92 -0.04 19.89
N GLY C 93 34.70 1.25 20.11
CA GLY C 93 35.44 2.34 19.42
C GLY C 93 34.88 2.63 18.04
N LEU C 94 33.56 2.52 17.87
CA LEU C 94 32.85 2.97 16.64
C LEU C 94 32.92 4.50 16.58
N GLU C 95 33.12 5.04 15.38
CA GLU C 95 33.30 6.50 15.11
C GLU C 95 32.08 7.27 15.62
N TRP C 96 32.31 8.43 16.22
CA TRP C 96 31.30 9.30 16.90
C TRP C 96 30.04 9.46 16.04
N GLU C 97 30.20 9.67 14.73
CA GLU C 97 29.09 10.04 13.81
C GLU C 97 28.25 8.81 13.44
N GLN C 98 28.78 7.59 13.61
CA GLN C 98 28.13 6.33 13.18
C GLN C 98 27.37 5.66 14.34
N VAL C 99 27.55 6.14 15.57
CA VAL C 99 27.16 5.42 16.82
C VAL C 99 25.62 5.41 16.97
N HIS C 100 24.98 6.57 16.84
CA HIS C 100 23.52 6.72 17.01
C HIS C 100 22.79 5.78 16.05
N LEU C 101 23.19 5.80 14.77
CA LEU C 101 22.56 4.99 13.69
C LEU C 101 22.60 3.51 14.09
N GLU C 102 23.73 3.06 14.65
CA GLU C 102 23.91 1.66 15.13
C GLU C 102 22.98 1.42 16.33
N ALA C 103 23.01 2.34 17.30
CA ALA C 103 22.24 2.27 18.57
C ALA C 103 20.74 2.32 18.28
N ARG C 105 19.24 0.72 15.99
CA ARG C 105 18.81 -0.64 15.70
C ARG C 105 18.98 -1.52 16.95
N TRP C 106 20.06 -1.33 17.71
CA TRP C 106 20.44 -2.17 18.87
C TRP C 106 19.39 -2.06 19.98
N GLU C 107 18.83 -0.86 20.18
CA GLU C 107 17.85 -0.54 21.24
C GLU C 107 16.63 -1.48 21.17
N HIS C 108 16.44 -2.22 20.07
CA HIS C 108 15.25 -3.08 19.83
C HIS C 108 15.55 -4.56 20.08
N VAL C 109 16.81 -4.95 20.28
CA VAL C 109 17.22 -6.39 20.40
C VAL C 109 18.00 -6.66 21.69
N MET C 110 18.35 -5.63 22.47
CA MET C 110 19.12 -5.76 23.73
C MET C 110 18.19 -6.24 24.85
N SER C 111 18.60 -7.27 25.59
CA SER C 111 17.88 -7.80 26.77
C SER C 111 18.20 -6.94 27.99
N GLU C 112 17.32 -6.94 29.00
CA GLU C 112 17.55 -6.26 30.30
C GLU C 112 18.75 -6.92 30.99
N ALA C 113 18.98 -8.22 30.76
CA ALA C 113 20.13 -9.00 31.28
C ALA C 113 21.44 -8.37 30.80
N VAL C 114 21.54 -8.04 29.51
CA VAL C 114 22.77 -7.43 28.90
C VAL C 114 22.95 -6.02 29.45
N GLU C 115 21.87 -5.25 29.57
CA GLU C 115 21.91 -3.86 30.11
C GLU C 115 22.61 -3.87 31.48
N ARG C 116 22.25 -4.83 32.34
CA ARG C 116 22.82 -4.98 33.71
C ARG C 116 24.33 -5.20 33.61
N LYS C 117 24.77 -6.08 32.72
CA LYS C 117 26.21 -6.40 32.48
C LYS C 117 26.93 -5.15 31.94
N LEU C 118 26.24 -4.35 31.13
CA LEU C 118 26.81 -3.13 30.49
C LEU C 118 26.97 -2.02 31.53
N VAL C 119 26.02 -1.90 32.46
CA VAL C 119 26.09 -0.93 33.60
C VAL C 119 27.35 -1.20 34.42
N LYS C 120 27.62 -2.47 34.73
CA LYS C 120 28.82 -2.93 35.47
C LYS C 120 30.08 -2.60 34.65
N LEU C 121 30.09 -3.01 33.38
CA LEU C 121 31.25 -2.85 32.45
C LEU C 121 31.60 -1.37 32.28
N LEU C 122 30.58 -0.52 32.08
CA LEU C 122 30.76 0.91 31.70
C LEU C 122 30.82 1.79 32.95
N GLY C 123 30.71 1.20 34.15
CA GLY C 123 30.93 1.87 35.44
C GLY C 123 29.78 2.79 35.83
N ASN C 124 28.54 2.30 35.69
CA ASN C 124 27.30 3.01 36.09
C ASN C 124 27.22 4.36 35.38
N PRO C 125 27.15 4.37 34.02
CA PRO C 125 27.08 5.63 33.28
C PRO C 125 25.71 6.31 33.46
N THR C 126 25.69 7.64 33.54
CA THR C 126 24.48 8.47 33.78
C THR C 126 24.11 9.28 32.53
N THR C 127 25.00 9.34 31.52
CA THR C 127 24.78 10.13 30.28
C THR C 127 25.31 9.38 29.06
N SER C 128 24.68 9.61 27.90
CA SER C 128 25.12 9.10 26.58
C SER C 128 26.39 9.84 26.16
N PRO C 129 27.11 9.39 25.10
CA PRO C 129 28.25 10.15 24.58
C PRO C 129 27.88 11.57 24.11
N TYR C 130 26.59 11.83 23.87
CA TYR C 130 26.04 13.11 23.37
C TYR C 130 25.42 13.91 24.52
N GLY C 131 25.71 13.52 25.77
CA GLY C 131 25.43 14.29 26.99
C GLY C 131 24.00 14.13 27.49
N ASN C 132 23.21 13.23 26.88
CA ASN C 132 21.78 13.02 27.22
C ASN C 132 21.68 12.08 28.42
N PRO C 133 20.92 12.44 29.49
CA PRO C 133 20.70 11.56 30.62
C PRO C 133 20.17 10.17 30.22
N ILE C 134 20.71 9.11 30.83
CA ILE C 134 20.25 7.70 30.65
C ILE C 134 19.14 7.44 31.67
N PRO C 135 17.88 7.24 31.24
CA PRO C 135 16.77 6.99 32.16
C PRO C 135 16.53 5.50 32.47
N GLY C 136 15.68 5.22 33.46
CA GLY C 136 15.18 3.87 33.79
C GLY C 136 16.25 3.00 34.43
N LEU C 137 17.32 3.58 34.97
CA LEU C 137 18.42 2.83 35.65
C LEU C 137 17.92 2.24 36.97
N ASP C 138 16.84 2.80 37.53
CA ASP C 138 16.14 2.27 38.74
C ASP C 138 15.53 0.90 38.41
N GLU C 139 14.84 0.77 37.28
CA GLU C 139 14.15 -0.48 36.82
C GLU C 139 15.18 -1.62 36.73
N LEU C 140 16.40 -1.33 36.25
CA LEU C 140 17.51 -2.32 36.14
C LEU C 140 17.86 -2.87 37.53
N GLY C 141 17.90 -1.99 38.53
CA GLY C 141 18.28 -2.30 39.93
C GLY C 141 19.67 -1.77 40.27
N VAL C 142 20.03 -0.60 39.73
CA VAL C 142 21.34 0.08 39.95
C VAL C 142 21.24 0.96 41.20
N PRO C 148 20.93 15.53 38.85
CA PRO C 148 21.56 16.83 38.53
C PRO C 148 20.52 17.85 38.02
N VAL C 149 20.55 19.06 38.57
CA VAL C 149 19.63 20.19 38.19
C VAL C 149 20.09 20.74 36.83
N ASP C 150 19.36 20.39 35.75
CA ASP C 150 19.62 20.84 34.36
C ASP C 150 18.47 21.75 33.90
N THR C 151 17.97 22.60 34.81
CA THR C 151 16.99 23.68 34.52
C THR C 151 17.73 24.94 34.08
N ASP C 152 19.04 25.00 34.28
CA ASP C 152 19.93 26.14 33.93
C ASP C 152 20.36 26.05 32.45
N LEU C 153 20.07 24.92 31.79
CA LEU C 153 20.40 24.69 30.35
C LEU C 153 19.43 25.47 29.48
N ARG C 154 19.94 26.06 28.39
CA ARG C 154 19.17 26.87 27.41
C ARG C 154 19.54 26.44 25.99
N ARG C 155 18.59 26.57 25.05
CA ARG C 155 18.71 26.10 23.65
C ARG C 155 19.47 27.16 22.83
N VAL C 156 20.37 26.71 21.95
CA VAL C 156 21.28 27.58 21.14
C VAL C 156 20.45 28.60 20.35
N ASP C 157 19.27 28.21 19.85
CA ASP C 157 18.35 29.08 19.07
C ASP C 157 17.86 30.23 19.97
N GLU C 158 17.43 29.91 21.20
CA GLU C 158 16.88 30.88 22.19
C GLU C 158 18.00 31.80 22.68
N VAL C 159 19.20 31.25 22.89
CA VAL C 159 20.42 32.00 23.32
C VAL C 159 20.76 33.02 22.22
N ALA C 160 20.76 32.61 20.96
CA ALA C 160 21.06 33.45 19.78
C ALA C 160 20.01 34.57 19.66
N ARG C 161 18.73 34.25 19.88
CA ARG C 161 17.57 35.19 19.76
C ARG C 161 17.55 36.16 20.94
N SER C 162 18.27 35.86 22.03
CA SER C 162 18.35 36.69 23.26
C SER C 162 19.67 37.49 23.30
N GLY C 163 20.47 37.45 22.24
CA GLY C 163 21.68 38.28 22.08
C GLY C 163 22.95 37.46 21.89
N GLY C 164 22.87 36.14 22.06
CA GLY C 164 24.01 35.21 21.88
C GLY C 164 24.96 35.25 23.06
N GLY C 165 26.27 35.10 22.78
CA GLY C 165 27.34 35.05 23.80
C GLY C 165 28.08 33.72 23.77
N ARG C 166 28.94 33.47 24.77
CA ARG C 166 29.73 32.21 24.92
C ARG C 166 28.93 31.22 25.77
N ALA C 167 29.05 29.92 25.45
CA ALA C 167 28.26 28.83 26.09
C ALA C 167 29.03 27.50 26.01
N LEU C 168 28.82 26.64 27.01
CA LEU C 168 29.38 25.25 27.08
C LEU C 168 28.34 24.27 26.53
N VAL C 169 28.70 23.52 25.48
CA VAL C 169 27.83 22.46 24.87
C VAL C 169 27.63 21.35 25.91
N CYS C 170 26.37 20.96 26.14
CA CYS C 170 25.97 19.97 27.17
C CYS C 170 25.28 18.76 26.53
N ARG C 171 24.30 18.99 25.65
CA ARG C 171 23.49 17.91 25.01
C ARG C 171 23.31 18.18 23.52
N ILE C 172 23.39 17.12 22.72
CA ILE C 172 22.91 17.06 21.30
C ILE C 172 21.79 16.01 21.24
N ALA C 173 20.58 16.43 20.86
CA ALA C 173 19.36 15.59 20.86
C ALA C 173 19.48 14.47 19.82
N GLU C 174 18.65 13.44 19.94
CA GLU C 174 18.64 12.23 19.07
C GLU C 174 18.34 12.66 17.63
N HIS C 175 17.41 13.62 17.49
CA HIS C 175 17.05 14.34 16.24
C HIS C 175 18.31 14.66 15.43
N VAL C 176 19.26 15.38 16.04
CA VAL C 176 20.50 15.91 15.39
C VAL C 176 21.44 14.75 15.02
N GLN C 177 21.49 13.70 15.85
CA GLN C 177 22.44 12.55 15.74
C GLN C 177 22.14 11.71 14.49
N LEU C 178 20.94 11.89 13.90
CA LEU C 178 20.43 11.06 12.78
C LEU C 178 21.20 11.35 11.49
N ASP C 179 21.85 12.52 11.40
CA ASP C 179 22.61 13.00 10.21
C ASP C 179 24.11 12.75 10.43
N PRO C 180 24.70 11.66 9.90
CA PRO C 180 26.12 11.37 10.10
C PRO C 180 27.09 12.46 9.61
N ASP C 181 26.76 13.12 8.48
CA ASP C 181 27.62 14.14 7.83
C ASP C 181 27.66 15.41 8.70
N LEU C 182 26.52 15.79 9.30
CA LEU C 182 26.41 16.93 10.24
C LEU C 182 27.27 16.65 11.49
N MET C 183 27.09 15.47 12.10
CA MET C 183 27.81 15.05 13.33
C MET C 183 29.33 15.07 13.07
N SER C 184 29.77 14.65 11.88
CA SER C 184 31.19 14.72 11.44
C SER C 184 31.65 16.18 11.36
N GLU C 185 30.79 17.08 10.89
CA GLU C 185 31.05 18.54 10.80
C GLU C 185 31.17 19.11 12.22
N LEU C 186 30.21 18.81 13.10
CA LEU C 186 30.17 19.28 14.50
C LEU C 186 31.47 18.90 15.23
N LYS C 187 31.95 17.67 15.01
CA LYS C 187 33.15 17.13 15.69
C LYS C 187 34.41 17.87 15.24
N LYS C 188 34.53 18.13 13.93
CA LYS C 188 35.74 18.73 13.31
C LYS C 188 35.88 20.19 13.77
N VAL C 189 34.78 20.94 13.84
CA VAL C 189 34.76 22.37 14.27
C VAL C 189 34.79 22.46 15.80
N GLY C 190 34.31 21.42 16.50
CA GLY C 190 34.39 21.30 17.96
C GLY C 190 33.13 21.79 18.67
N VAL C 191 31.96 21.51 18.10
CA VAL C 191 30.63 21.68 18.78
C VAL C 191 30.19 20.31 19.28
N VAL C 192 30.81 19.85 20.37
CA VAL C 192 30.58 18.53 21.02
C VAL C 192 30.41 18.77 22.53
N PRO C 193 29.73 17.87 23.27
CA PRO C 193 29.61 18.02 24.72
C PRO C 193 30.95 18.30 25.41
N GLY C 194 30.99 19.32 26.28
CA GLY C 194 32.17 19.67 27.10
C GLY C 194 33.11 20.65 26.40
N ASN C 195 32.70 21.22 25.27
CA ASN C 195 33.47 22.25 24.52
C ASN C 195 32.71 23.58 24.55
N GLU C 196 33.44 24.69 24.57
CA GLU C 196 32.89 26.07 24.55
C GLU C 196 32.60 26.47 23.11
N ILE C 197 31.58 27.30 22.89
CA ILE C 197 31.18 27.85 21.56
C ILE C 197 30.76 29.32 21.73
N ASP C 198 30.91 30.13 20.68
CA ASP C 198 30.44 31.53 20.60
C ASP C 198 29.22 31.59 19.67
N ILE C 199 28.01 31.67 20.25
CA ILE C 199 26.72 31.75 19.51
C ILE C 199 26.51 33.20 19.06
N VAL C 200 26.45 33.44 17.74
CA VAL C 200 26.27 34.78 17.12
C VAL C 200 24.79 35.16 17.21
N ALA C 201 24.50 36.46 17.39
CA ALA C 201 23.15 37.01 17.65
C ALA C 201 22.34 37.07 16.35
N VAL C 202 21.08 36.61 16.38
CA VAL C 202 20.10 36.69 15.27
C VAL C 202 18.79 37.26 15.83
N ALA C 203 18.03 37.98 14.98
CA ALA C 203 16.73 38.60 15.33
C ALA C 203 15.57 37.75 14.83
N GLY C 204 15.71 37.15 13.64
CA GLY C 204 14.63 36.44 12.93
C GLY C 204 14.49 34.99 13.38
N VAL C 205 13.25 34.52 13.53
CA VAL C 205 12.88 33.09 13.73
C VAL C 205 12.98 32.39 12.37
N ASN C 206 13.37 31.11 12.36
CA ASN C 206 13.56 30.26 11.15
C ASN C 206 14.80 30.73 10.37
N LYS C 207 15.74 31.42 11.05
CA LYS C 207 17.04 31.85 10.48
C LYS C 207 18.14 30.93 10.98
N PRO C 208 19.13 30.55 10.14
CA PRO C 208 20.21 29.68 10.58
C PRO C 208 21.17 30.42 11.52
N ILE C 209 21.46 29.82 12.68
CA ILE C 209 22.35 30.41 13.74
C ILE C 209 23.80 30.03 13.41
N GLN C 210 24.70 31.02 13.49
CA GLN C 210 26.17 30.84 13.33
C GLN C 210 26.77 30.55 14.71
N VAL C 211 27.71 29.60 14.78
CA VAL C 211 28.43 29.21 16.02
C VAL C 211 29.91 29.00 15.69
N GLN C 212 30.80 29.45 16.59
CA GLN C 212 32.28 29.38 16.43
C GLN C 212 32.85 28.42 17.49
N GLY C 213 33.45 27.31 17.05
CA GLY C 213 34.09 26.30 17.91
C GLY C 213 35.59 26.53 18.03
N SER C 214 36.31 25.58 18.65
CA SER C 214 37.77 25.66 18.94
C SER C 214 38.58 25.53 17.64
N GLU C 215 38.03 24.86 16.62
CA GLU C 215 38.71 24.60 15.33
C GLU C 215 37.81 25.04 14.16
N GLY C 216 37.25 26.25 14.25
CA GLY C 216 36.41 26.86 13.19
C GLY C 216 34.96 27.04 13.64
N GLY C 217 34.09 27.41 12.69
CA GLY C 217 32.65 27.64 12.92
C GLY C 217 31.81 27.09 11.78
N THR C 218 30.49 26.94 11.99
CA THR C 218 29.53 26.34 11.03
C THR C 218 28.12 26.91 11.27
N GLN C 219 27.20 26.64 10.34
CA GLN C 219 25.78 27.10 10.38
C GLN C 219 24.90 25.97 10.92
N LEU C 220 24.00 26.31 11.85
CA LEU C 220 22.98 25.38 12.41
C LEU C 220 21.58 25.83 11.96
N GLN C 221 20.78 24.92 11.43
CA GLN C 221 19.37 25.17 11.03
C GLN C 221 18.51 25.35 12.28
N PRO C 222 17.37 26.07 12.20
CA PRO C 222 16.57 26.39 13.38
C PRO C 222 16.20 25.19 14.26
N GLY C 223 15.86 24.04 13.64
CA GLY C 223 15.46 22.81 14.32
C GLY C 223 16.65 22.08 14.95
N ILE C 224 17.84 22.23 14.36
CA ILE C 224 19.12 21.68 14.87
C ILE C 224 19.52 22.49 16.12
N ALA C 225 19.62 23.81 15.99
CA ALA C 225 20.01 24.77 17.05
C ALA C 225 19.06 24.64 18.26
N HIS C 226 17.77 24.43 18.00
CA HIS C 226 16.72 24.21 19.04
C HIS C 226 17.00 22.92 19.81
N ALA C 227 17.70 21.96 19.19
CA ALA C 227 17.96 20.60 19.71
C ALA C 227 19.37 20.48 20.29
N VAL C 228 20.12 21.59 20.38
CA VAL C 228 21.45 21.66 21.04
C VAL C 228 21.31 22.53 22.29
N MET C 229 21.60 21.96 23.47
CA MET C 229 21.44 22.63 24.78
C MET C 229 22.82 22.97 25.35
N VAL C 230 22.96 24.18 25.88
CA VAL C 230 24.24 24.76 26.38
C VAL C 230 24.02 25.39 27.77
N ARG C 231 25.11 25.73 28.46
CA ARG C 231 25.10 26.54 29.71
C ARG C 231 25.96 27.79 29.48
N VAL C 232 25.39 28.97 29.68
CA VAL C 232 26.04 30.30 29.47
C VAL C 232 26.53 30.84 30.81
N ASP D 5 10.02 -11.36 16.94
CA ASP D 5 10.23 -12.79 17.30
C ASP D 5 11.51 -13.30 16.62
N LEU D 6 11.51 -13.38 15.27
CA LEU D 6 12.69 -13.78 14.46
C LEU D 6 13.54 -12.53 14.14
N ILE D 7 12.96 -11.33 14.31
CA ILE D 7 13.57 -10.01 13.98
C ILE D 7 13.58 -9.84 12.46
N ASP D 8 14.18 -10.78 11.73
CA ASP D 8 14.27 -10.81 10.24
C ASP D 8 14.06 -12.26 9.77
N THR D 9 12.90 -12.52 9.15
CA THR D 9 12.48 -13.87 8.69
C THR D 9 13.50 -14.45 7.72
N THR D 10 13.82 -13.69 6.67
CA THR D 10 14.74 -14.09 5.56
C THR D 10 16.08 -14.56 6.14
N GLU D 11 16.68 -13.76 7.03
CA GLU D 11 18.03 -14.02 7.60
C GLU D 11 18.01 -15.30 8.46
N MET D 12 16.89 -15.61 9.10
CA MET D 12 16.76 -16.80 10.01
C MET D 12 16.50 -18.07 9.20
N TYR D 13 15.89 -17.96 8.02
CA TYR D 13 15.74 -19.09 7.05
C TYR D 13 17.11 -19.41 6.46
N LEU D 14 17.84 -18.39 6.01
CA LEU D 14 19.21 -18.52 5.44
C LEU D 14 20.12 -19.19 6.46
N ARG D 15 20.17 -18.68 7.70
CA ARG D 15 21.10 -19.18 8.74
C ARG D 15 20.67 -20.59 9.18
N THR D 16 19.36 -20.88 9.18
CA THR D 16 18.79 -22.21 9.57
C THR D 16 19.22 -23.26 8.55
N ILE D 17 19.20 -22.91 7.25
CA ILE D 17 19.71 -23.79 6.15
C ILE D 17 21.22 -23.97 6.35
N TYR D 18 21.93 -22.90 6.70
CA TYR D 18 23.39 -22.88 6.97
C TYR D 18 23.71 -23.81 8.15
N ASP D 19 22.93 -23.71 9.23
CA ASP D 19 23.06 -24.56 10.44
C ASP D 19 22.98 -26.03 10.03
N LEU D 20 21.91 -26.40 9.30
CA LEU D 20 21.64 -27.80 8.86
C LEU D 20 22.81 -28.32 8.02
N GLU D 21 23.45 -27.45 7.23
CA GLU D 21 24.63 -27.82 6.39
C GLU D 21 25.84 -28.11 7.29
N GLU D 22 26.05 -27.31 8.34
CA GLU D 22 27.14 -27.51 9.34
C GLU D 22 26.94 -28.83 10.08
N GLU D 23 25.68 -29.19 10.37
CA GLU D 23 25.30 -30.40 11.14
C GLU D 23 25.21 -31.64 10.22
N GLY D 24 25.45 -31.48 8.92
CA GLY D 24 25.36 -32.57 7.93
C GLY D 24 23.95 -33.15 7.83
N VAL D 25 22.94 -32.32 8.11
CA VAL D 25 21.49 -32.66 7.97
C VAL D 25 21.02 -32.15 6.60
N VAL D 26 20.10 -32.88 5.96
CA VAL D 26 19.51 -32.50 4.64
C VAL D 26 18.53 -31.35 4.89
N PRO D 27 18.79 -30.15 4.35
CA PRO D 27 17.92 -29.00 4.60
C PRO D 27 16.61 -29.09 3.79
N LEU D 28 15.58 -29.69 4.39
CA LEU D 28 14.18 -29.71 3.87
C LEU D 28 13.39 -28.60 4.57
N ARG D 29 12.28 -28.18 3.98
CA ARG D 29 11.33 -27.19 4.55
C ARG D 29 10.80 -27.71 5.89
N ALA D 30 10.70 -29.04 6.04
CA ALA D 30 10.25 -29.73 7.28
C ALA D 30 11.19 -29.39 8.45
N ARG D 31 12.50 -29.29 8.19
CA ARG D 31 13.53 -29.00 9.23
C ARG D 31 13.38 -27.57 9.72
N ILE D 32 13.07 -26.64 8.81
CA ILE D 32 12.90 -25.19 9.13
C ILE D 32 11.66 -25.03 10.02
N ALA D 33 10.56 -25.68 9.65
CA ALA D 33 9.27 -25.70 10.40
C ALA D 33 9.53 -26.10 11.86
N GLU D 34 10.21 -27.24 12.06
CA GLU D 34 10.57 -27.80 13.39
C GLU D 34 11.37 -26.78 14.21
N ARG D 35 12.42 -26.21 13.62
CA ARG D 35 13.49 -25.47 14.33
C ARG D 35 13.07 -24.01 14.58
N LEU D 36 12.33 -23.39 13.66
CA LEU D 36 11.80 -22.01 13.83
C LEU D 36 10.37 -22.05 14.38
N GLU D 37 9.81 -23.26 14.57
CA GLU D 37 8.46 -23.49 15.15
C GLU D 37 7.43 -22.69 14.34
N GLN D 38 7.34 -22.97 13.05
CA GLN D 38 6.33 -22.39 12.12
C GLN D 38 5.65 -23.54 11.37
N SER D 39 4.42 -23.34 10.92
CA SER D 39 3.61 -24.36 10.20
C SER D 39 4.26 -24.63 8.82
N GLY D 40 4.05 -25.83 8.28
CA GLY D 40 4.56 -26.25 6.95
C GLY D 40 4.19 -25.24 5.86
N PRO D 41 2.89 -24.88 5.72
CA PRO D 41 2.45 -23.90 4.72
C PRO D 41 3.21 -22.57 4.80
N THR D 42 3.45 -22.06 6.01
CA THR D 42 4.24 -20.82 6.26
C THR D 42 5.63 -20.96 5.63
N VAL D 43 6.32 -22.06 5.91
CA VAL D 43 7.73 -22.31 5.50
C VAL D 43 7.78 -22.43 3.97
N SER D 44 6.86 -23.18 3.36
CA SER D 44 6.75 -23.34 1.89
C SER D 44 6.58 -21.97 1.23
N GLN D 45 5.69 -21.14 1.78
CA GLN D 45 5.34 -19.79 1.25
C GLN D 45 6.57 -18.87 1.33
N THR D 46 7.27 -18.86 2.47
CA THR D 46 8.46 -18.00 2.71
C THR D 46 9.62 -18.46 1.82
N VAL D 47 9.85 -19.77 1.73
CA VAL D 47 10.91 -20.37 0.85
C VAL D 47 10.62 -19.96 -0.60
N ALA D 48 9.36 -20.06 -1.05
CA ALA D 48 8.89 -19.65 -2.39
C ALA D 48 9.22 -18.18 -2.65
N ARG D 49 8.99 -17.32 -1.65
CA ARG D 49 9.31 -15.87 -1.70
C ARG D 49 10.82 -15.69 -1.84
N MET D 50 11.61 -16.48 -1.11
CA MET D 50 13.10 -16.39 -1.10
C MET D 50 13.66 -16.96 -2.41
N GLU D 51 12.94 -17.90 -3.03
CA GLU D 51 13.28 -18.46 -4.37
C GLU D 51 13.04 -17.39 -5.43
N ARG D 52 11.89 -16.69 -5.34
CA ARG D 52 11.48 -15.59 -6.25
C ARG D 52 12.55 -14.48 -6.23
N ASP D 53 13.14 -14.20 -5.06
CA ASP D 53 14.14 -13.12 -4.85
C ASP D 53 15.56 -13.65 -5.07
N GLY D 54 15.71 -14.94 -5.39
CA GLY D 54 16.97 -15.57 -5.82
C GLY D 54 17.99 -15.70 -4.69
N LEU D 55 17.52 -16.11 -3.51
CA LEU D 55 18.36 -16.39 -2.32
C LEU D 55 18.59 -17.90 -2.19
N LEU D 56 17.67 -18.73 -2.72
CA LEU D 56 17.78 -20.21 -2.70
C LEU D 56 17.01 -20.82 -3.87
N THR D 57 17.18 -22.13 -4.08
CA THR D 57 16.45 -22.94 -5.08
C THR D 57 15.99 -24.25 -4.40
N VAL D 58 14.88 -24.81 -4.87
CA VAL D 58 14.36 -26.13 -4.42
C VAL D 58 14.73 -27.17 -5.49
N ALA D 59 15.65 -28.09 -5.15
CA ALA D 59 16.16 -29.16 -6.04
C ALA D 59 15.03 -30.16 -6.33
N GLU D 60 15.31 -31.16 -7.17
CA GLU D 60 14.37 -32.26 -7.54
C GLU D 60 14.05 -33.10 -6.29
N ASP D 61 15.07 -33.41 -5.48
CA ASP D 61 14.93 -34.20 -4.22
C ASP D 61 14.39 -33.30 -3.09
N ARG D 62 14.15 -32.01 -3.39
CA ARG D 62 13.36 -31.04 -2.58
C ARG D 62 14.18 -30.44 -1.44
N HIS D 63 15.50 -30.70 -1.39
CA HIS D 63 16.43 -30.07 -0.41
C HIS D 63 16.73 -28.66 -0.89
N LEU D 64 16.84 -27.70 0.04
CA LEU D 64 17.02 -26.26 -0.24
C LEU D 64 18.52 -25.97 -0.45
N GLU D 65 18.89 -25.55 -1.66
CA GLU D 65 20.25 -25.06 -1.99
C GLU D 65 20.24 -23.54 -1.90
N LEU D 66 21.13 -22.97 -1.10
CA LEU D 66 21.42 -21.51 -1.10
C LEU D 66 22.05 -21.15 -2.45
N THR D 67 21.67 -20.02 -3.04
CA THR D 67 22.29 -19.43 -4.25
C THR D 67 23.59 -18.73 -3.83
N LYS D 68 24.34 -18.21 -4.81
CA LYS D 68 25.56 -17.39 -4.59
C LYS D 68 25.20 -16.22 -3.66
N ALA D 69 24.09 -15.53 -3.95
CA ALA D 69 23.58 -14.35 -3.20
C ALA D 69 23.08 -14.77 -1.82
N GLY D 70 22.41 -15.94 -1.74
CA GLY D 70 21.83 -16.49 -0.50
C GLY D 70 22.91 -16.93 0.48
N ARG D 71 23.95 -17.59 -0.02
CA ARG D 71 25.11 -18.06 0.78
C ARG D 71 25.88 -16.84 1.31
N ALA D 72 26.07 -15.82 0.47
CA ALA D 72 26.77 -14.55 0.82
C ALA D 72 26.08 -13.88 2.01
N ARG D 73 24.74 -13.89 2.03
CA ARG D 73 23.90 -13.26 3.08
C ARG D 73 23.87 -14.14 4.34
N ALA D 74 23.77 -15.46 4.17
CA ALA D 74 23.82 -16.46 5.27
C ALA D 74 25.15 -16.32 6.03
N ILE D 75 26.26 -16.19 5.29
CA ILE D 75 27.64 -16.07 5.84
C ILE D 75 27.73 -14.76 6.64
N SER D 76 27.17 -13.68 6.11
CA SER D 76 27.11 -12.34 6.74
C SER D 76 26.39 -12.42 8.10
N VAL D 77 25.23 -13.05 8.14
CA VAL D 77 24.38 -13.23 9.37
C VAL D 77 25.19 -14.03 10.41
N MET D 78 25.77 -15.15 10.00
CA MET D 78 26.50 -16.10 10.89
C MET D 78 27.76 -15.43 11.45
N ARG D 79 28.48 -14.68 10.62
CA ARG D 79 29.70 -13.93 11.01
C ARG D 79 29.35 -12.94 12.12
N LYS D 80 28.25 -12.19 11.94
CA LYS D 80 27.76 -11.20 12.93
C LYS D 80 27.38 -11.93 14.22
N HIS D 81 26.73 -13.09 14.09
CA HIS D 81 26.28 -13.95 15.21
C HIS D 81 27.46 -14.34 16.09
N ARG D 82 28.53 -14.87 15.49
CA ARG D 82 29.67 -15.49 16.21
C ARG D 82 30.62 -14.40 16.74
N LEU D 83 30.65 -13.22 16.12
CA LEU D 83 31.41 -12.05 16.65
C LEU D 83 30.69 -11.46 17.86
N ALA D 84 29.35 -11.46 17.84
CA ALA D 84 28.48 -10.99 18.95
C ALA D 84 28.66 -11.91 20.16
N GLU D 85 28.64 -13.22 19.93
CA GLU D 85 28.84 -14.26 20.98
C GLU D 85 30.17 -14.02 21.69
N ARG D 86 31.24 -13.71 20.94
CA ARG D 86 32.60 -13.44 21.49
C ARG D 86 32.56 -12.17 22.35
N LEU D 87 32.04 -11.06 21.83
CA LEU D 87 31.85 -9.80 22.58
C LEU D 87 31.08 -10.08 23.87
N LEU D 88 29.97 -10.82 23.78
CA LEU D 88 29.04 -11.07 24.91
C LEU D 88 29.74 -11.88 26.01
N VAL D 89 30.58 -12.86 25.64
CA VAL D 89 31.30 -13.76 26.60
C VAL D 89 32.58 -13.04 27.08
N ASP D 90 33.46 -12.66 26.15
CA ASP D 90 34.85 -12.23 26.44
C ASP D 90 34.88 -10.83 27.07
N VAL D 91 33.95 -9.94 26.70
CA VAL D 91 34.02 -8.48 27.04
C VAL D 91 32.88 -8.09 27.99
N ILE D 92 31.64 -8.43 27.65
CA ILE D 92 30.42 -7.99 28.41
C ILE D 92 30.20 -8.91 29.61
N GLY D 93 30.53 -10.20 29.47
CA GLY D 93 30.46 -11.19 30.57
C GLY D 93 29.05 -11.68 30.81
N LEU D 94 28.23 -11.75 29.76
CA LEU D 94 26.89 -12.40 29.79
C LEU D 94 27.09 -13.90 30.02
N GLU D 95 26.20 -14.53 30.79
CA GLU D 95 26.31 -15.96 31.20
C GLU D 95 26.36 -16.84 29.94
N TRP D 96 27.23 -17.86 29.97
CA TRP D 96 27.58 -18.75 28.82
C TRP D 96 26.33 -19.30 28.13
N GLU D 97 25.27 -19.59 28.89
CA GLU D 97 24.07 -20.32 28.39
C GLU D 97 23.05 -19.33 27.79
N GLN D 98 23.18 -18.04 28.07
CA GLN D 98 22.24 -16.97 27.63
C GLN D 98 22.74 -16.26 26.37
N VAL D 99 23.97 -16.53 25.93
CA VAL D 99 24.71 -15.69 24.94
C VAL D 99 24.16 -15.94 23.52
N HIS D 100 23.91 -17.20 23.15
CA HIS D 100 23.36 -17.56 21.81
C HIS D 100 22.03 -16.83 21.58
N LEU D 101 21.13 -16.87 22.58
CA LEU D 101 19.78 -16.26 22.51
C LEU D 101 19.90 -14.76 22.20
N GLU D 102 20.84 -14.08 22.85
CA GLU D 102 21.16 -12.63 22.65
C GLU D 102 21.71 -12.43 21.23
N ALA D 103 22.70 -13.24 20.84
CA ALA D 103 23.36 -13.23 19.52
C ALA D 103 22.35 -13.58 18.42
N ARG D 105 19.50 -12.37 18.15
CA ARG D 105 18.83 -11.13 17.80
C ARG D 105 19.85 -10.12 17.26
N TRP D 106 21.00 -9.97 17.92
CA TRP D 106 22.08 -9.01 17.58
C TRP D 106 22.56 -9.21 16.14
N GLU D 107 22.56 -10.46 15.64
CA GLU D 107 23.07 -10.85 14.30
C GLU D 107 22.30 -10.14 13.18
N HIS D 108 21.16 -9.51 13.48
CA HIS D 108 20.25 -8.90 12.48
C HIS D 108 20.44 -7.38 12.39
N VAL D 109 21.09 -6.75 13.38
CA VAL D 109 21.19 -5.27 13.49
C VAL D 109 22.65 -4.80 13.45
N MET D 110 23.62 -5.71 13.48
CA MET D 110 25.07 -5.37 13.51
C MET D 110 25.53 -4.96 12.11
N SER D 111 26.16 -3.79 12.00
CA SER D 111 26.80 -3.28 10.76
C SER D 111 28.15 -3.99 10.56
N GLU D 112 28.65 -4.01 9.31
CA GLU D 112 30.02 -4.49 8.98
C GLU D 112 31.04 -3.55 9.61
N ALA D 113 30.67 -2.27 9.83
CA ALA D 113 31.49 -1.25 10.52
C ALA D 113 31.83 -1.71 11.94
N VAL D 114 30.83 -2.19 12.69
CA VAL D 114 30.99 -2.72 14.08
C VAL D 114 31.77 -4.04 14.03
N GLU D 115 31.44 -4.92 13.08
CA GLU D 115 32.14 -6.22 12.89
C GLU D 115 33.65 -5.98 12.86
N ARG D 116 34.12 -5.02 12.07
CA ARG D 116 35.57 -4.69 11.88
C ARG D 116 36.15 -4.17 13.20
N LYS D 117 35.38 -3.41 13.97
CA LYS D 117 35.80 -2.90 15.31
C LYS D 117 35.94 -4.08 16.28
N LEU D 118 34.99 -5.03 16.24
CA LEU D 118 35.00 -6.24 17.12
C LEU D 118 36.20 -7.12 16.78
N VAL D 119 36.60 -7.19 15.51
CA VAL D 119 37.75 -8.03 15.06
C VAL D 119 39.04 -7.49 15.70
N LYS D 120 39.24 -6.17 15.67
CA LYS D 120 40.38 -5.49 16.35
C LYS D 120 40.28 -5.73 17.87
N LEU D 121 39.11 -5.50 18.46
CA LEU D 121 38.86 -5.53 19.93
C LEU D 121 39.13 -6.93 20.49
N LEU D 122 38.72 -7.98 19.78
CA LEU D 122 38.72 -9.38 20.27
C LEU D 122 40.02 -10.09 19.86
N GLY D 123 40.88 -9.42 19.10
CA GLY D 123 42.22 -9.92 18.72
C GLY D 123 42.15 -10.96 17.62
N ASN D 124 41.42 -10.67 16.53
CA ASN D 124 41.27 -11.53 15.33
C ASN D 124 40.77 -12.91 15.74
N PRO D 125 39.55 -13.02 16.32
CA PRO D 125 38.95 -14.32 16.63
C PRO D 125 38.60 -15.08 15.34
N THR D 126 38.85 -16.41 15.34
CA THR D 126 38.58 -17.32 14.20
C THR D 126 37.44 -18.29 14.55
N THR D 127 37.05 -18.39 15.83
CA THR D 127 35.98 -19.29 16.32
C THR D 127 35.08 -18.54 17.29
N SER D 128 33.85 -19.04 17.48
CA SER D 128 32.87 -18.58 18.50
C SER D 128 33.28 -19.16 19.85
N PRO D 129 32.67 -18.71 20.97
CA PRO D 129 32.93 -19.30 22.29
C PRO D 129 32.60 -20.80 22.35
N TYR D 130 31.78 -21.29 21.42
CA TYR D 130 31.30 -22.70 21.31
C TYR D 130 32.11 -23.44 20.25
N GLY D 131 33.21 -22.85 19.78
CA GLY D 131 34.25 -23.50 18.97
C GLY D 131 33.94 -23.51 17.48
N ASN D 132 32.82 -22.90 17.06
CA ASN D 132 32.36 -22.90 15.64
C ASN D 132 33.17 -21.85 14.87
N PRO D 133 33.78 -22.21 13.72
CA PRO D 133 34.55 -21.26 12.94
C PRO D 133 33.71 -20.05 12.50
N ILE D 134 34.32 -18.87 12.47
CA ILE D 134 33.69 -17.61 11.98
C ILE D 134 33.94 -17.52 10.48
N PRO D 135 32.89 -17.64 9.64
CA PRO D 135 33.05 -17.56 8.19
C PRO D 135 33.04 -16.10 7.70
N GLY D 136 33.47 -15.89 6.45
CA GLY D 136 33.37 -14.61 5.72
C GLY D 136 34.15 -13.48 6.35
N LEU D 137 35.26 -13.78 7.04
CA LEU D 137 36.19 -12.74 7.59
C LEU D 137 36.93 -12.07 6.42
N ASP D 138 37.20 -12.81 5.34
CA ASP D 138 37.75 -12.29 4.06
C ASP D 138 36.90 -11.11 3.58
N GLU D 139 35.57 -11.28 3.58
CA GLU D 139 34.58 -10.31 3.02
C GLU D 139 34.57 -9.00 3.81
N LEU D 140 34.97 -9.00 5.07
CA LEU D 140 35.11 -7.78 5.92
C LEU D 140 36.36 -6.99 5.50
N GLY D 141 37.39 -7.70 5.02
CA GLY D 141 38.69 -7.13 4.62
C GLY D 141 39.72 -7.22 5.74
N VAL D 142 39.51 -8.13 6.70
CA VAL D 142 40.34 -8.30 7.93
C VAL D 142 41.02 -9.67 7.87
N GLY G 143 34.89 -23.81 3.05
CA GLY G 143 34.35 -23.35 4.35
C GLY G 143 34.64 -24.35 5.46
N ASP G 144 35.45 -23.94 6.45
CA ASP G 144 35.83 -24.74 7.65
C ASP G 144 34.58 -25.05 8.47
N SER G 145 33.57 -24.16 8.40
CA SER G 145 32.25 -24.29 9.06
C SER G 145 31.58 -25.63 8.73
N VAL G 146 31.31 -25.87 7.44
CA VAL G 146 30.49 -27.02 6.94
C VAL G 146 31.41 -28.19 6.56
N GLU G 147 32.54 -27.90 5.88
CA GLU G 147 33.55 -28.91 5.45
C GLU G 147 34.87 -28.62 6.18
N PRO G 148 35.07 -29.18 7.40
CA PRO G 148 36.22 -28.81 8.23
C PRO G 148 37.58 -29.17 7.60
N VAL G 149 38.54 -28.25 7.71
CA VAL G 149 39.95 -28.41 7.21
C VAL G 149 40.61 -29.56 7.97
N ASP G 150 40.35 -29.64 9.29
CA ASP G 150 40.72 -30.79 10.15
C ASP G 150 39.72 -31.93 9.88
N THR G 151 40.09 -32.87 9.00
CA THR G 151 39.22 -33.97 8.51
C THR G 151 39.02 -35.03 9.59
N ASP G 152 39.78 -34.98 10.69
CA ASP G 152 39.69 -35.91 11.84
C ASP G 152 38.64 -35.42 12.86
N LEU G 153 37.87 -34.39 12.51
CA LEU G 153 36.67 -33.97 13.30
C LEU G 153 35.54 -34.99 13.06
N ARG G 154 34.95 -35.49 14.13
CA ARG G 154 33.89 -36.54 14.11
C ARG G 154 32.75 -36.13 15.05
N ARG G 155 31.54 -36.61 14.76
CA ARG G 155 30.31 -36.32 15.55
C ARG G 155 30.23 -37.33 16.70
N VAL G 156 29.84 -36.86 17.90
CA VAL G 156 29.78 -37.67 19.15
C VAL G 156 28.94 -38.93 18.92
N ASP G 157 27.86 -38.83 18.13
CA ASP G 157 26.92 -39.95 17.86
C ASP G 157 27.62 -41.00 16.98
N GLU G 158 28.42 -40.57 16.00
CA GLU G 158 29.18 -41.48 15.09
C GLU G 158 30.31 -42.16 15.86
N VAL G 159 30.97 -41.43 16.78
CA VAL G 159 32.06 -41.97 17.64
C VAL G 159 31.46 -43.01 18.60
N ALA G 160 30.30 -42.70 19.18
CA ALA G 160 29.55 -43.59 20.10
C ALA G 160 29.22 -44.91 19.39
N ARG G 161 28.64 -44.83 18.19
CA ARG G 161 28.19 -46.02 17.41
C ARG G 161 29.40 -46.82 16.90
N SER G 162 30.57 -46.17 16.75
CA SER G 162 31.83 -46.77 16.25
C SER G 162 32.51 -47.60 17.36
N GLY G 163 32.13 -47.37 18.62
CA GLY G 163 32.65 -48.10 19.79
C GLY G 163 33.28 -47.18 20.83
N GLY G 164 32.69 -45.99 21.04
CA GLY G 164 33.12 -45.00 22.04
C GLY G 164 34.56 -44.53 21.83
N GLY G 165 35.13 -43.86 22.82
CA GLY G 165 36.52 -43.39 22.83
C GLY G 165 36.68 -42.08 23.59
N ARG G 166 37.90 -41.78 24.03
CA ARG G 166 38.28 -40.48 24.63
C ARG G 166 38.49 -39.46 23.51
N ALA G 167 37.86 -38.30 23.62
CA ALA G 167 37.84 -37.25 22.57
C ALA G 167 37.89 -35.85 23.20
N LEU G 168 38.52 -34.91 22.48
CA LEU G 168 38.57 -33.46 22.81
C LEU G 168 37.34 -32.78 22.18
N VAL G 169 36.56 -32.06 22.96
CA VAL G 169 35.36 -31.30 22.49
C VAL G 169 35.86 -30.07 21.70
N CYS G 170 35.36 -29.89 20.48
CA CYS G 170 35.80 -28.85 19.52
C CYS G 170 34.64 -27.87 19.21
N ARG G 171 33.50 -28.39 18.75
CA ARG G 171 32.37 -27.54 18.26
C ARG G 171 31.05 -28.00 18.88
N ILE G 172 30.25 -27.05 19.37
CA ILE G 172 28.83 -27.23 19.78
C ILE G 172 27.97 -26.40 18.80
N ALA G 173 27.19 -27.06 17.94
CA ALA G 173 26.39 -26.42 16.87
C ALA G 173 25.35 -25.50 17.50
N GLU G 174 24.80 -24.58 16.69
CA GLU G 174 23.86 -23.50 17.11
C GLU G 174 22.56 -24.11 17.64
N HIS G 175 22.16 -25.26 17.08
CA HIS G 175 20.93 -26.02 17.44
C HIS G 175 20.96 -26.40 18.92
N VAL G 176 22.12 -26.85 19.43
CA VAL G 176 22.35 -27.27 20.84
C VAL G 176 22.25 -26.02 21.74
N GLN G 177 22.84 -24.91 21.31
CA GLN G 177 22.95 -23.63 22.07
C GLN G 177 21.54 -23.06 22.36
N LEU G 178 20.54 -23.45 21.56
CA LEU G 178 19.17 -22.89 21.58
C LEU G 178 18.42 -23.30 22.86
N ASP G 179 18.87 -24.38 23.52
CA ASP G 179 18.31 -24.88 24.81
C ASP G 179 19.24 -24.43 25.96
N PRO G 180 18.88 -23.36 26.71
CA PRO G 180 19.74 -22.84 27.78
C PRO G 180 20.01 -23.84 28.91
N ASP G 181 18.97 -24.60 29.33
CA ASP G 181 19.01 -25.58 30.44
C ASP G 181 20.04 -26.68 30.12
N LEU G 182 20.02 -27.20 28.88
CA LEU G 182 20.98 -28.22 28.39
C LEU G 182 22.40 -27.64 28.43
N MET G 183 22.59 -26.40 27.95
CA MET G 183 23.91 -25.74 27.90
C MET G 183 24.50 -25.65 29.30
N SER G 184 23.70 -25.27 30.30
CA SER G 184 24.08 -25.20 31.74
C SER G 184 24.60 -26.58 32.19
N GLU G 185 23.88 -27.65 31.83
CA GLU G 185 24.21 -29.07 32.16
C GLU G 185 25.52 -29.47 31.46
N LEU G 186 25.76 -28.99 30.24
CA LEU G 186 27.00 -29.31 29.46
C LEU G 186 28.21 -28.61 30.10
N LYS G 187 28.03 -27.40 30.63
CA LYS G 187 29.09 -26.60 31.29
C LYS G 187 29.43 -27.22 32.65
N LYS G 188 28.40 -27.65 33.40
CA LYS G 188 28.52 -28.22 34.77
C LYS G 188 29.40 -29.47 34.73
N VAL G 189 29.08 -30.42 33.84
CA VAL G 189 29.77 -31.74 33.73
C VAL G 189 31.10 -31.57 32.96
N GLY G 190 31.20 -30.55 32.11
CA GLY G 190 32.46 -30.15 31.45
C GLY G 190 32.53 -30.55 29.98
N VAL G 191 31.37 -30.69 29.31
CA VAL G 191 31.28 -30.84 27.82
C VAL G 191 31.31 -29.43 27.22
N VAL G 192 32.51 -28.86 27.09
CA VAL G 192 32.76 -27.49 26.55
C VAL G 192 34.01 -27.55 25.68
N PRO G 193 34.16 -26.68 24.66
CA PRO G 193 35.34 -26.69 23.79
C PRO G 193 36.65 -26.61 24.59
N GLY G 194 37.60 -27.50 24.29
CA GLY G 194 38.93 -27.54 24.92
C GLY G 194 39.06 -28.61 25.99
N ASN G 195 37.94 -29.12 26.50
CA ASN G 195 37.88 -30.20 27.53
C ASN G 195 37.79 -31.57 26.85
N GLU G 196 38.53 -32.55 27.37
CA GLU G 196 38.44 -33.98 26.95
C GLU G 196 37.21 -34.59 27.61
N ILE G 197 36.52 -35.50 26.91
CA ILE G 197 35.35 -36.26 27.43
C ILE G 197 35.51 -37.74 27.02
N ASP G 198 34.83 -38.63 27.73
CA ASP G 198 34.71 -40.07 27.39
C ASP G 198 33.33 -40.31 26.79
N ILE G 199 33.28 -40.79 25.54
CA ILE G 199 32.03 -41.17 24.83
C ILE G 199 31.82 -42.68 25.03
N VAL G 200 30.74 -43.06 25.72
CA VAL G 200 30.35 -44.47 25.98
C VAL G 200 29.78 -45.06 24.67
N ALA G 201 30.22 -46.26 24.30
CA ALA G 201 29.76 -47.02 23.12
C ALA G 201 28.25 -47.28 23.24
N VAL G 202 27.52 -47.09 22.13
CA VAL G 202 26.05 -47.33 22.03
C VAL G 202 25.79 -48.26 20.84
N ALA G 203 24.62 -48.91 20.81
CA ALA G 203 24.15 -49.80 19.72
C ALA G 203 22.72 -49.41 19.33
N GLY G 204 22.49 -49.20 18.03
CA GLY G 204 21.19 -48.82 17.45
C GLY G 204 21.02 -47.32 17.33
N VAL G 205 20.10 -46.88 16.47
CA VAL G 205 19.75 -45.45 16.25
C VAL G 205 18.67 -45.05 17.27
N ASN G 206 18.57 -43.75 17.57
CA ASN G 206 17.54 -43.13 18.46
C ASN G 206 17.77 -43.55 19.93
N LYS G 207 19.01 -43.92 20.28
CA LYS G 207 19.42 -44.22 21.68
C LYS G 207 20.25 -43.06 22.20
N PRO G 208 19.99 -42.56 23.44
CA PRO G 208 20.81 -41.52 24.04
C PRO G 208 22.29 -41.93 24.17
N ILE G 209 23.21 -41.01 23.89
CA ILE G 209 24.68 -41.22 24.02
C ILE G 209 25.13 -40.73 25.41
N GLN G 210 25.60 -41.65 26.25
CA GLN G 210 26.21 -41.36 27.57
C GLN G 210 27.62 -40.81 27.35
N VAL G 211 27.93 -39.66 27.96
CA VAL G 211 29.28 -39.04 27.94
C VAL G 211 29.73 -38.79 29.39
N GLN G 212 31.02 -38.93 29.67
CA GLN G 212 31.65 -38.58 30.97
C GLN G 212 32.55 -37.37 30.76
N GLY G 213 32.30 -36.29 31.52
CA GLY G 213 33.15 -35.09 31.58
C GLY G 213 34.06 -35.11 32.78
N SER G 214 34.88 -34.06 32.95
CA SER G 214 35.86 -33.92 34.06
C SER G 214 35.14 -33.86 35.42
N GLU G 215 33.91 -33.33 35.45
CA GLU G 215 33.13 -33.12 36.71
C GLU G 215 31.72 -33.71 36.56
N GLY G 216 31.62 -34.95 36.06
CA GLY G 216 30.37 -35.73 36.00
C GLY G 216 30.04 -36.21 34.60
N GLY G 217 28.93 -36.95 34.47
CA GLY G 217 28.41 -37.49 33.19
C GLY G 217 27.02 -36.95 32.89
N THR G 218 26.55 -37.14 31.65
CA THR G 218 25.22 -36.68 31.17
C THR G 218 24.80 -37.48 29.94
N GLN G 219 23.49 -37.55 29.68
CA GLN G 219 22.88 -38.24 28.52
C GLN G 219 22.60 -37.21 27.43
N LEU G 220 23.11 -37.43 26.21
CA LEU G 220 22.84 -36.59 25.01
C LEU G 220 21.82 -37.30 24.11
N GLN G 221 20.77 -36.58 23.68
CA GLN G 221 19.82 -37.07 22.65
C GLN G 221 20.54 -37.17 21.31
N PRO G 222 20.14 -38.11 20.42
CA PRO G 222 20.83 -38.29 19.14
C PRO G 222 21.05 -36.99 18.36
N GLY G 223 20.02 -36.16 18.25
CA GLY G 223 20.04 -34.84 17.57
C GLY G 223 21.05 -33.89 18.19
N ILE G 224 21.29 -33.99 19.50
CA ILE G 224 22.27 -33.17 20.26
C ILE G 224 23.68 -33.74 20.02
N ALA G 225 23.86 -35.03 20.31
CA ALA G 225 25.14 -35.76 20.13
C ALA G 225 25.66 -35.57 18.70
N HIS G 226 24.77 -35.60 17.71
CA HIS G 226 25.08 -35.37 16.27
C HIS G 226 25.65 -33.95 16.08
N ALA G 227 25.16 -32.98 16.84
CA ALA G 227 25.46 -31.54 16.70
C ALA G 227 26.76 -31.16 17.43
N VAL G 228 27.32 -32.07 18.25
CA VAL G 228 28.62 -31.85 18.97
C VAL G 228 29.72 -32.59 18.20
N MET G 229 30.79 -31.86 17.85
CA MET G 229 31.95 -32.40 17.10
C MET G 229 33.17 -32.47 18.02
N VAL G 230 33.98 -33.53 17.88
CA VAL G 230 35.12 -33.86 18.77
C VAL G 230 36.32 -34.32 17.92
N ARG G 231 37.53 -34.23 18.49
CA ARG G 231 38.77 -34.85 17.94
C ARG G 231 39.14 -36.04 18.84
N VAL G 232 39.26 -37.23 18.26
CA VAL G 232 39.61 -38.50 18.98
C VAL G 232 41.13 -38.67 18.95
N GLY H 143 -10.37 25.33 -32.95
CA GLY H 143 -11.14 25.04 -31.71
C GLY H 143 -12.42 25.84 -31.64
N ASP H 144 -13.47 25.36 -32.31
CA ASP H 144 -14.81 26.02 -32.43
C ASP H 144 -15.38 26.25 -31.02
N SER H 145 -15.11 25.33 -30.09
CA SER H 145 -15.52 25.39 -28.65
C SER H 145 -15.09 26.72 -28.02
N VAL H 146 -13.78 26.99 -27.99
CA VAL H 146 -13.15 28.13 -27.27
C VAL H 146 -13.05 29.35 -28.20
N GLU H 147 -12.69 29.14 -29.47
CA GLU H 147 -12.58 30.19 -30.52
C GLU H 147 -13.56 29.88 -31.65
N PRO H 148 -14.81 30.43 -31.61
CA PRO H 148 -15.83 30.08 -32.60
C PRO H 148 -15.47 30.52 -34.02
N VAL H 149 -15.69 29.64 -35.01
CA VAL H 149 -15.43 29.89 -36.46
C VAL H 149 -16.33 31.04 -36.92
N ASP H 150 -17.60 31.03 -36.49
CA ASP H 150 -18.56 32.16 -36.63
C ASP H 150 -18.14 33.26 -35.64
N THR H 151 -17.33 34.21 -36.11
CA THR H 151 -16.68 35.28 -35.30
C THR H 151 -17.73 36.27 -34.77
N ASP H 152 -18.96 36.25 -35.32
CA ASP H 152 -20.07 37.16 -34.97
C ASP H 152 -20.91 36.59 -33.82
N LEU H 153 -20.45 35.52 -33.15
CA LEU H 153 -21.06 35.02 -31.90
C LEU H 153 -20.67 35.96 -30.74
N ARG H 154 -21.65 36.38 -29.95
CA ARG H 154 -21.49 37.35 -28.84
C ARG H 154 -22.19 36.81 -27.58
N ARG H 155 -21.73 37.22 -26.40
CA ARG H 155 -22.29 36.81 -25.09
C ARG H 155 -23.46 37.74 -24.75
N VAL H 156 -24.52 37.20 -24.15
CA VAL H 156 -25.80 37.92 -23.84
C VAL H 156 -25.48 39.17 -22.98
N ASP H 157 -24.54 39.05 -22.04
CA ASP H 157 -24.18 40.16 -21.11
C ASP H 157 -23.50 41.28 -21.90
N GLU H 158 -22.64 40.95 -22.87
CA GLU H 158 -21.92 41.94 -23.73
C GLU H 158 -22.91 42.67 -24.64
N VAL H 159 -23.89 41.95 -25.19
CA VAL H 159 -24.94 42.49 -26.10
C VAL H 159 -25.85 43.43 -25.30
N ALA H 160 -26.22 43.03 -24.07
CA ALA H 160 -27.05 43.82 -23.13
C ALA H 160 -26.36 45.14 -22.81
N ARG H 161 -25.08 45.09 -22.41
CA ARG H 161 -24.30 46.27 -21.96
C ARG H 161 -24.02 47.23 -23.13
N SER H 162 -23.97 46.71 -24.37
CA SER H 162 -23.65 47.51 -25.59
C SER H 162 -24.93 48.11 -26.19
N GLY H 163 -26.11 47.76 -25.65
CA GLY H 163 -27.40 48.39 -25.98
C GLY H 163 -28.44 47.42 -26.49
N GLY H 164 -28.43 46.17 -26.01
CA GLY H 164 -29.45 45.14 -26.33
C GLY H 164 -29.53 44.83 -27.80
N GLY H 165 -30.60 44.16 -28.22
CA GLY H 165 -30.88 43.77 -29.62
C GLY H 165 -31.59 42.43 -29.71
N ARG H 166 -32.18 42.14 -30.88
CA ARG H 166 -32.78 40.81 -31.20
C ARG H 166 -31.66 39.88 -31.66
N ALA H 167 -31.63 38.65 -31.12
CA ALA H 167 -30.53 37.67 -31.33
C ALA H 167 -31.09 36.25 -31.36
N LEU H 168 -30.48 35.39 -32.18
CA LEU H 168 -30.70 33.92 -32.22
C LEU H 168 -29.83 33.28 -31.12
N VAL H 169 -30.43 32.45 -30.26
CA VAL H 169 -29.71 31.67 -29.22
C VAL H 169 -28.97 30.52 -29.90
N CYS H 170 -27.68 30.35 -29.59
CA CYS H 170 -26.77 29.39 -30.26
C CYS H 170 -26.20 28.38 -29.24
N ARG H 171 -25.48 28.87 -28.22
CA ARG H 171 -24.77 28.00 -27.24
C ARG H 171 -25.17 28.35 -25.80
N ILE H 172 -25.54 27.34 -25.02
CA ILE H 172 -25.69 27.41 -23.53
C ILE H 172 -24.54 26.60 -22.92
N ALA H 173 -23.62 27.26 -22.22
CA ALA H 173 -22.40 26.64 -21.64
C ALA H 173 -22.79 25.62 -20.57
N GLU H 174 -21.86 24.74 -20.21
CA GLU H 174 -22.04 23.61 -19.26
C GLU H 174 -22.37 24.16 -17.86
N HIS H 175 -21.82 25.33 -17.52
CA HIS H 175 -22.00 26.01 -16.20
C HIS H 175 -23.49 26.31 -15.97
N VAL H 176 -24.21 26.76 -17.01
CA VAL H 176 -25.67 27.08 -16.95
C VAL H 176 -26.46 25.78 -16.77
N GLN H 177 -26.06 24.71 -17.46
CA GLN H 177 -26.77 23.40 -17.52
C GLN H 177 -26.81 22.75 -16.13
N LEU H 178 -25.87 23.12 -15.25
CA LEU H 178 -25.64 22.50 -13.91
C LEU H 178 -26.84 22.77 -12.98
N ASP H 179 -27.59 23.84 -13.23
CA ASP H 179 -28.81 24.25 -12.46
C ASP H 179 -30.05 23.76 -13.20
N PRO H 180 -30.71 22.65 -12.78
CA PRO H 180 -31.87 22.13 -13.49
C PRO H 180 -33.08 23.08 -13.50
N ASP H 181 -33.35 23.72 -12.35
CA ASP H 181 -34.50 24.64 -12.14
C ASP H 181 -34.42 25.82 -13.12
N LEU H 182 -33.21 26.38 -13.30
CA LEU H 182 -32.93 27.47 -14.28
C LEU H 182 -33.20 26.97 -15.70
N MET H 183 -32.64 25.80 -16.05
CA MET H 183 -32.77 25.21 -17.41
C MET H 183 -34.26 25.00 -17.75
N SER H 184 -35.06 24.52 -16.79
CA SER H 184 -36.54 24.39 -16.92
C SER H 184 -37.16 25.74 -17.29
N GLU H 185 -36.76 26.80 -16.58
CA GLU H 185 -37.24 28.20 -16.79
C GLU H 185 -36.82 28.70 -18.17
N LEU H 186 -35.60 28.38 -18.62
CA LEU H 186 -35.05 28.82 -19.94
C LEU H 186 -35.84 28.16 -21.08
N LYS H 187 -36.24 26.90 -20.90
CA LYS H 187 -37.03 26.12 -21.89
C LYS H 187 -38.46 26.67 -21.96
N LYS H 188 -39.07 26.91 -20.79
CA LYS H 188 -40.47 27.41 -20.65
C LYS H 188 -40.64 28.70 -21.47
N VAL H 189 -39.72 29.66 -21.30
CA VAL H 189 -39.82 31.03 -21.88
C VAL H 189 -39.22 31.04 -23.30
N GLY H 190 -38.40 30.04 -23.65
CA GLY H 190 -37.92 29.81 -25.02
C GLY H 190 -36.49 30.30 -25.26
N VAL H 191 -35.68 30.42 -24.21
CA VAL H 191 -34.21 30.69 -24.31
C VAL H 191 -33.52 29.34 -24.54
N VAL H 192 -33.57 28.84 -25.78
CA VAL H 192 -33.04 27.51 -26.20
C VAL H 192 -32.40 27.66 -27.58
N PRO H 193 -31.39 26.83 -27.93
CA PRO H 193 -30.73 26.94 -29.23
C PRO H 193 -31.74 26.87 -30.40
N GLY H 194 -31.65 27.81 -31.34
CA GLY H 194 -32.48 27.86 -32.55
C GLY H 194 -33.63 28.84 -32.45
N ASN H 195 -33.91 29.38 -31.25
CA ASN H 195 -34.99 30.37 -30.99
C ASN H 195 -34.40 31.78 -30.91
N GLU H 196 -35.11 32.76 -31.48
CA GLU H 196 -34.78 34.21 -31.36
C GLU H 196 -35.24 34.69 -29.98
N ILE H 197 -34.45 35.57 -29.36
CA ILE H 197 -34.78 36.25 -28.07
C ILE H 197 -34.52 37.75 -28.23
N ASP H 198 -35.15 38.57 -27.38
CA ASP H 198 -34.87 40.02 -27.26
C ASP H 198 -34.06 40.23 -25.97
N ILE H 199 -32.87 40.83 -26.11
CA ILE H 199 -31.97 41.19 -24.97
C ILE H 199 -32.24 42.66 -24.62
N VAL H 200 -32.73 42.92 -23.41
CA VAL H 200 -33.00 44.29 -22.88
C VAL H 200 -31.66 44.93 -22.53
N ALA H 201 -31.45 46.18 -22.98
CA ALA H 201 -30.25 47.00 -22.68
C ALA H 201 -30.13 47.20 -21.17
N VAL H 202 -28.92 47.07 -20.63
CA VAL H 202 -28.61 47.21 -19.17
C VAL H 202 -27.41 48.15 -19.03
N ALA H 203 -27.23 48.73 -17.84
CA ALA H 203 -26.09 49.62 -17.48
C ALA H 203 -25.47 49.16 -16.15
N GLY H 204 -24.13 49.07 -16.11
CA GLY H 204 -23.35 48.63 -14.93
C GLY H 204 -23.08 47.14 -14.96
N VAL H 205 -22.02 46.71 -14.26
CA VAL H 205 -21.64 45.28 -14.05
C VAL H 205 -22.40 44.77 -12.82
N ASN H 206 -22.62 43.45 -12.74
CA ASN H 206 -23.28 42.74 -11.60
C ASN H 206 -24.79 42.98 -11.61
N LYS H 207 -25.35 43.52 -12.69
CA LYS H 207 -26.81 43.79 -12.86
C LYS H 207 -27.43 42.65 -13.67
N PRO H 208 -28.55 42.05 -13.22
CA PRO H 208 -29.21 40.98 -13.98
C PRO H 208 -29.69 41.45 -15.36
N ILE H 209 -29.49 40.63 -16.40
CA ILE H 209 -29.91 40.92 -17.80
C ILE H 209 -31.30 40.34 -18.02
N GLN H 210 -32.28 41.21 -18.31
CA GLN H 210 -33.67 40.86 -18.70
C GLN H 210 -33.65 40.42 -20.17
N VAL H 211 -34.29 39.28 -20.48
CA VAL H 211 -34.46 38.78 -21.87
C VAL H 211 -35.95 38.48 -22.09
N GLN H 212 -36.42 38.58 -23.34
CA GLN H 212 -37.79 38.20 -23.76
C GLN H 212 -37.70 37.04 -24.77
N GLY H 213 -38.40 35.94 -24.48
CA GLY H 213 -38.53 34.78 -25.38
C GLY H 213 -39.91 34.74 -26.02
N SER H 214 -40.13 33.77 -26.91
CA SER H 214 -41.41 33.57 -27.65
C SER H 214 -42.59 33.39 -26.68
N GLU H 215 -42.36 32.77 -25.52
CA GLU H 215 -43.43 32.44 -24.53
C GLU H 215 -43.07 32.99 -23.15
N GLY H 216 -42.60 34.24 -23.08
CA GLY H 216 -42.39 34.98 -21.81
C GLY H 216 -40.97 35.50 -21.68
N GLY H 217 -40.71 36.23 -20.58
CA GLY H 217 -39.39 36.83 -20.25
C GLY H 217 -38.83 36.23 -18.96
N THR H 218 -37.54 36.48 -18.70
CA THR H 218 -36.80 35.95 -17.51
C THR H 218 -35.59 36.84 -17.20
N GLN H 219 -35.08 36.75 -15.97
CA GLN H 219 -33.93 37.52 -15.45
C GLN H 219 -32.70 36.61 -15.37
N LEU H 220 -31.67 36.88 -16.17
CA LEU H 220 -30.38 36.13 -16.17
C LEU H 220 -29.38 36.82 -15.24
N GLN H 221 -28.77 36.06 -14.31
CA GLN H 221 -27.63 36.54 -13.49
C GLN H 221 -26.45 36.79 -14.42
N PRO H 222 -25.53 37.74 -14.08
CA PRO H 222 -24.41 38.08 -14.96
C PRO H 222 -23.59 36.86 -15.40
N GLY H 223 -23.28 35.96 -14.46
CA GLY H 223 -22.53 34.70 -14.71
C GLY H 223 -23.23 33.78 -15.70
N ILE H 224 -24.56 33.71 -15.62
CA ILE H 224 -25.43 32.92 -16.54
C ILE H 224 -25.43 33.60 -17.92
N ALA H 225 -25.82 34.88 -17.96
CA ALA H 225 -25.90 35.71 -19.18
C ALA H 225 -24.59 35.60 -19.97
N HIS H 226 -23.45 35.67 -19.28
CA HIS H 226 -22.08 35.55 -19.84
C HIS H 226 -21.94 34.19 -20.55
N ALA H 227 -22.49 33.13 -19.96
CA ALA H 227 -22.32 31.72 -20.40
C ALA H 227 -23.29 31.36 -21.53
N VAL H 228 -24.20 32.25 -21.92
CA VAL H 228 -25.11 32.07 -23.09
C VAL H 228 -24.57 32.92 -24.25
N MET H 229 -24.39 32.31 -25.42
CA MET H 229 -23.87 32.98 -26.65
C MET H 229 -24.97 33.03 -27.72
N VAL H 230 -25.03 34.12 -28.48
CA VAL H 230 -26.12 34.44 -29.45
C VAL H 230 -25.51 34.98 -30.74
N ARG H 231 -26.29 34.95 -31.83
CA ARG H 231 -25.99 35.66 -33.10
C ARG H 231 -27.01 36.81 -33.24
N VAL H 232 -26.52 38.05 -33.39
CA VAL H 232 -27.35 39.28 -33.55
C VAL H 232 -27.59 39.51 -35.06
#